data_4JDS
#
_entry.id   4JDS
#
_cell.length_a   118.048
_cell.length_b   134.482
_cell.length_c   137.255
_cell.angle_alpha   90.00
_cell.angle_beta   90.00
_cell.angle_gamma   90.00
#
_symmetry.space_group_name_H-M   'C 2 2 21'
#
loop_
_entity.id
_entity.type
_entity.pdbx_description
1 polymer 'Histone-lysine N-methyltransferase SETD7'
2 non-polymer S-ADENOSYLMETHIONINE
3 non-polymer N-[(2R)-3-(3-cyanophenyl)-1-oxo-1-(pyrrolidin-1-yl)propan-2-yl]-8-fluoro-1,2,3,4-tetrahydroisoquinoline-6-sulfonamide
4 non-polymer 'UNKNOWN ATOM OR ION'
5 water water
#
_entity_poly.entity_id   1
_entity_poly.type   'polypeptide(L)'
_entity_poly.pdbx_seq_one_letter_code
;QYKDNIRHGVCWIYYPDGGSLVGEVNEDGEMTGEKIAYVYPDERTALYGKFIDGEMIEGKLATLMSTEEGRPHFELMPGN
SVYHFDKSTSSCISTNALLPDPYESERVYVAESLISSAGEGLFSKVAVGPNTVMSFYNGVRITHQEVDSRDWALNGNTLS
LDEETVIDVPEPYNHVSKYCASLGHKANHSFTPNCIYDMFVHPRFGPIKCIRTLRAVEADEELTVAYGYDHSPPGKSGPE
APEWYQVELKAFQATQQKHHHHHH
;
_entity_poly.pdbx_strand_id   A,B,C,D
#
loop_
_chem_comp.id
_chem_comp.type
_chem_comp.name
_chem_comp.formula
1L4 non-polymer N-[(2R)-3-(3-cyanophenyl)-1-oxo-1-(pyrrolidin-1-yl)propan-2-yl]-8-fluoro-1,2,3,4-tetrahydroisoquinoline-6-sulfonamide 'C23 H25 F N4 O3 S'
SAM non-polymer S-ADENOSYLMETHIONINE 'C15 H22 N6 O5 S'
UNX non-polymer 'UNKNOWN ATOM OR ION' ?
#
# COMPACT_ATOMS: atom_id res chain seq x y z
N HIS A 8 -34.24 7.19 58.51
CA HIS A 8 -34.03 6.46 57.22
C HIS A 8 -32.55 6.51 56.78
N GLY A 9 -32.04 5.36 56.32
CA GLY A 9 -30.60 5.16 56.01
C GLY A 9 -30.18 5.23 54.55
N VAL A 10 -29.35 6.23 54.22
CA VAL A 10 -29.02 6.55 52.83
C VAL A 10 -27.67 5.99 52.40
N CYS A 11 -27.60 5.46 51.18
CA CYS A 11 -26.35 4.95 50.64
CA CYS A 11 -26.35 4.95 50.63
C CYS A 11 -25.92 5.76 49.42
N TRP A 12 -24.62 6.07 49.36
CA TRP A 12 -24.00 6.73 48.20
C TRP A 12 -23.04 5.71 47.58
N ILE A 13 -23.21 5.44 46.29
CA ILE A 13 -22.30 4.53 45.60
C ILE A 13 -21.60 5.38 44.55
N TYR A 14 -20.32 5.67 44.77
CA TYR A 14 -19.55 6.47 43.82
C TYR A 14 -18.85 5.57 42.84
N TYR A 15 -18.91 5.93 41.57
CA TYR A 15 -18.15 5.24 40.55
C TYR A 15 -16.77 5.88 40.43
N PRO A 16 -15.79 5.14 39.86
CA PRO A 16 -14.46 5.68 39.71
C PRO A 16 -14.46 7.02 38.96
N ASP A 17 -15.42 7.21 38.07
CA ASP A 17 -15.48 8.43 37.25
C ASP A 17 -15.98 9.67 37.99
N GLY A 18 -16.44 9.49 39.24
CA GLY A 18 -16.89 10.62 40.03
C GLY A 18 -18.40 10.75 40.14
N GLY A 19 -19.13 10.09 39.24
CA GLY A 19 -20.59 10.02 39.34
C GLY A 19 -21.02 9.11 40.50
N SER A 20 -22.28 9.23 40.90
CA SER A 20 -22.78 8.44 42.03
C SER A 20 -24.25 8.13 41.95
N LEU A 21 -24.64 7.01 42.57
CA LEU A 21 -26.03 6.65 42.83
C LEU A 21 -26.30 6.88 44.31
N VAL A 22 -27.37 7.60 44.63
CA VAL A 22 -27.66 7.92 46.04
C VAL A 22 -29.13 7.69 46.38
N GLY A 23 -29.37 7.02 47.50
CA GLY A 23 -30.74 6.81 47.95
C GLY A 23 -30.84 5.89 49.13
N GLU A 24 -32.03 5.89 49.74
CA GLU A 24 -32.33 4.97 50.82
C GLU A 24 -32.48 3.59 50.23
N VAL A 25 -31.80 2.61 50.81
CA VAL A 25 -31.98 1.23 50.40
C VAL A 25 -33.27 0.72 51.04
N ASN A 26 -33.94 -0.22 50.38
CA ASN A 26 -35.19 -0.75 50.93
C ASN A 26 -34.91 -1.88 51.91
N GLU A 27 -35.97 -2.42 52.51
CA GLU A 27 -35.87 -3.53 53.47
C GLU A 27 -34.94 -4.66 53.02
N ASP A 28 -34.83 -4.85 51.71
CA ASP A 28 -34.03 -5.94 51.12
C ASP A 28 -32.60 -5.52 50.78
N GLY A 29 -32.28 -4.25 50.96
CA GLY A 29 -30.95 -3.72 50.67
C GLY A 29 -30.73 -3.28 49.23
N GLU A 30 -31.79 -3.27 48.44
CA GLU A 30 -31.72 -2.86 47.04
C GLU A 30 -32.01 -1.37 46.89
N MET A 31 -31.36 -0.74 45.91
CA MET A 31 -31.59 0.66 45.60
C MET A 31 -32.88 0.80 44.82
N THR A 32 -34.00 0.64 45.53
CA THR A 32 -35.32 0.61 44.91
C THR A 32 -36.25 1.59 45.59
N GLY A 33 -36.88 2.47 44.81
CA GLY A 33 -37.79 3.45 45.35
C GLY A 33 -38.07 4.62 44.43
N GLU A 34 -38.82 5.57 44.96
CA GLU A 34 -39.29 6.72 44.19
C GLU A 34 -38.43 7.97 44.40
N LYS A 35 -37.46 7.87 45.31
CA LYS A 35 -36.63 9.03 45.65
C LYS A 35 -35.13 8.71 45.59
N ILE A 36 -34.74 8.03 44.52
CA ILE A 36 -33.35 7.67 44.30
CA ILE A 36 -33.37 7.62 44.26
C ILE A 36 -32.79 8.57 43.20
N ALA A 37 -31.49 8.81 43.23
CA ALA A 37 -30.89 9.68 42.22
C ALA A 37 -29.55 9.19 41.71
N TYR A 38 -29.28 9.51 40.46
CA TYR A 38 -27.92 9.50 39.96
C TYR A 38 -27.43 10.95 39.93
N VAL A 39 -26.22 11.17 40.43
CA VAL A 39 -25.60 12.50 40.45
C VAL A 39 -24.35 12.44 39.55
N TYR A 40 -24.29 13.36 38.58
CA TYR A 40 -23.15 13.45 37.67
C TYR A 40 -21.88 13.88 38.42
N PRO A 41 -20.71 13.76 37.77
CA PRO A 41 -19.42 14.07 38.43
C PRO A 41 -19.25 15.50 38.92
N ASP A 42 -20.08 16.44 38.47
CA ASP A 42 -20.06 17.80 39.01
C ASP A 42 -20.67 17.90 40.42
N GLU A 43 -21.20 16.79 40.92
CA GLU A 43 -21.86 16.74 42.25
C GLU A 43 -23.02 17.74 42.37
N ARG A 44 -23.61 18.11 41.23
CA ARG A 44 -24.73 19.07 41.22
C ARG A 44 -25.88 18.64 40.29
N THR A 45 -25.54 18.18 39.08
CA THR A 45 -26.55 17.76 38.14
C THR A 45 -27.01 16.34 38.48
N ALA A 46 -28.32 16.16 38.60
CA ALA A 46 -28.87 14.89 39.04
C ALA A 46 -30.10 14.43 38.27
N LEU A 47 -30.29 13.13 38.24
CA LEU A 47 -31.48 12.52 37.68
C LEU A 47 -32.18 11.80 38.82
N TYR A 48 -33.35 12.31 39.19
CA TYR A 48 -34.01 11.99 40.46
C TYR A 48 -35.40 11.41 40.24
N GLY A 49 -35.68 10.29 40.89
CA GLY A 49 -36.98 9.65 40.78
C GLY A 49 -36.96 8.16 41.02
N LYS A 50 -37.69 7.44 40.16
CA LYS A 50 -37.93 6.02 40.35
C LYS A 50 -36.77 5.18 39.83
N PHE A 51 -36.22 4.34 40.70
CA PHE A 51 -35.18 3.38 40.34
C PHE A 51 -35.60 2.00 40.85
N ILE A 52 -35.18 0.95 40.17
CA ILE A 52 -35.42 -0.42 40.63
C ILE A 52 -34.10 -1.17 40.63
N ASP A 53 -33.66 -1.61 41.82
CA ASP A 53 -32.38 -2.29 41.97
C ASP A 53 -31.23 -1.50 41.30
N GLY A 54 -31.23 -0.19 41.52
CA GLY A 54 -30.15 0.67 41.01
C GLY A 54 -30.32 1.09 39.56
N GLU A 55 -31.36 0.57 38.91
CA GLU A 55 -31.63 0.87 37.50
C GLU A 55 -32.62 2.03 37.35
N MET A 56 -32.26 3.04 36.57
CA MET A 56 -33.07 4.24 36.37
C MET A 56 -34.35 3.97 35.55
N ILE A 57 -35.50 4.17 36.18
CA ILE A 57 -36.80 3.98 35.52
C ILE A 57 -37.41 5.32 35.09
N GLU A 58 -37.39 6.28 36.00
CA GLU A 58 -37.84 7.62 35.70
C GLU A 58 -36.98 8.61 36.47
N GLY A 59 -35.92 9.07 35.83
CA GLY A 59 -35.03 10.05 36.45
C GLY A 59 -35.30 11.43 35.90
N LYS A 60 -35.84 12.31 36.73
CA LYS A 60 -36.14 13.67 36.31
C LYS A 60 -34.95 14.58 36.57
N LEU A 61 -34.72 15.52 35.66
CA LEU A 61 -33.60 16.44 35.81
C LEU A 61 -33.74 17.29 37.07
N ALA A 62 -32.69 17.32 37.86
CA ALA A 62 -32.73 17.96 39.18
C ALA A 62 -31.36 18.52 39.54
N THR A 63 -31.32 19.26 40.64
CA THR A 63 -30.07 19.79 41.17
C THR A 63 -29.91 19.30 42.59
N LEU A 64 -28.72 18.79 42.90
CA LEU A 64 -28.35 18.49 44.29
C LEU A 64 -28.02 19.81 44.96
N MET A 65 -28.90 20.25 45.86
CA MET A 65 -28.80 21.59 46.48
C MET A 65 -27.96 21.57 47.76
N SER A 66 -28.08 20.48 48.51
CA SER A 66 -27.38 20.36 49.78
C SER A 66 -27.46 18.93 50.28
N THR A 67 -26.63 18.64 51.28
CA THR A 67 -26.68 17.35 51.96
CA THR A 67 -26.68 17.35 51.97
C THR A 67 -26.54 17.61 53.46
N GLU A 68 -27.30 16.85 54.24
CA GLU A 68 -27.24 16.95 55.70
C GLU A 68 -27.10 15.54 56.25
N GLU A 69 -25.97 15.27 56.89
CA GLU A 69 -25.66 13.96 57.45
C GLU A 69 -25.95 12.82 56.47
N GLY A 70 -25.49 13.01 55.23
CA GLY A 70 -25.63 11.99 54.21
C GLY A 70 -26.92 12.05 53.40
N ARG A 71 -27.90 12.79 53.89
CA ARG A 71 -29.21 12.88 53.24
C ARG A 71 -29.23 14.03 52.24
N PRO A 72 -29.35 13.71 50.93
CA PRO A 72 -29.33 14.77 49.93
C PRO A 72 -30.68 15.48 49.80
N HIS A 73 -30.64 16.76 49.46
CA HIS A 73 -31.84 17.51 49.10
C HIS A 73 -31.79 17.89 47.62
N PHE A 74 -32.74 17.37 46.86
CA PHE A 74 -32.85 17.65 45.42
C PHE A 74 -33.99 18.63 45.14
N GLU A 75 -33.78 19.47 44.13
CA GLU A 75 -34.82 20.35 43.62
C GLU A 75 -34.93 20.09 42.12
N LEU A 76 -36.13 19.81 41.65
CA LEU A 76 -36.36 19.55 40.23
C LEU A 76 -36.07 20.79 39.39
N MET A 77 -35.44 20.58 38.24
CA MET A 77 -35.21 21.64 37.27
C MET A 77 -36.51 21.96 36.53
N PRO A 78 -36.64 23.20 36.00
CA PRO A 78 -37.83 23.50 35.20
C PRO A 78 -37.87 22.64 33.94
N GLY A 79 -39.06 22.47 33.38
CA GLY A 79 -39.22 21.69 32.18
C GLY A 79 -39.67 20.29 32.54
N ASN A 80 -39.53 19.37 31.59
CA ASN A 80 -40.00 18.02 31.81
C ASN A 80 -38.99 17.02 31.25
N SER A 81 -37.70 17.32 31.45
CA SER A 81 -36.61 16.43 31.09
C SER A 81 -36.61 15.19 32.00
N VAL A 82 -36.70 14.02 31.38
CA VAL A 82 -36.76 12.76 32.10
C VAL A 82 -36.03 11.67 31.32
N TYR A 83 -35.42 10.74 32.04
CA TYR A 83 -34.51 9.76 31.44
C TYR A 83 -34.69 8.40 32.07
N HIS A 84 -34.35 7.36 31.33
CA HIS A 84 -34.33 6.01 31.87
C HIS A 84 -33.17 5.21 31.32
N PHE A 85 -32.88 4.10 31.98
CA PHE A 85 -31.85 3.19 31.54
C PHE A 85 -32.23 2.64 30.17
N ASP A 86 -31.31 2.82 29.22
CA ASP A 86 -31.58 2.53 27.83
C ASP A 86 -30.29 2.07 27.18
N LYS A 87 -29.78 0.94 27.64
CA LYS A 87 -28.52 0.40 27.13
C LYS A 87 -28.65 0.04 25.64
N SER A 88 -27.62 0.32 24.88
CA SER A 88 -27.60 -0.04 23.47
C SER A 88 -27.49 -1.56 23.31
N THR A 89 -27.84 -2.04 22.12
CA THR A 89 -27.59 -3.42 21.71
C THR A 89 -26.59 -3.41 20.55
N SER A 90 -26.38 -4.54 19.87
CA SER A 90 -25.52 -4.54 18.69
C SER A 90 -26.16 -3.78 17.54
N SER A 91 -27.49 -3.69 17.57
CA SER A 91 -28.25 -3.14 16.45
C SER A 91 -29.01 -1.86 16.77
N CYS A 92 -29.32 -1.64 18.06
CA CYS A 92 -30.09 -0.45 18.46
C CYS A 92 -29.21 0.48 19.29
N ILE A 93 -28.99 1.69 18.80
CA ILE A 93 -28.14 2.64 19.52
C ILE A 93 -28.85 3.29 20.72
N SER A 94 -30.16 3.49 20.59
CA SER A 94 -30.95 4.25 21.57
C SER A 94 -32.41 4.14 21.19
N THR A 95 -33.29 4.18 22.18
CA THR A 95 -34.72 4.32 21.89
C THR A 95 -35.17 5.80 21.89
N ASN A 96 -34.24 6.71 22.15
CA ASN A 96 -34.50 8.15 21.96
C ASN A 96 -33.19 8.83 21.56
N ALA A 97 -32.82 8.55 20.31
CA ALA A 97 -31.51 8.93 19.77
C ALA A 97 -31.26 10.44 19.77
N LEU A 98 -32.32 11.23 19.73
CA LEU A 98 -32.19 12.69 19.62
C LEU A 98 -32.38 13.44 20.92
N LEU A 99 -32.54 12.70 22.01
CA LEU A 99 -32.67 13.28 23.35
C LEU A 99 -31.26 13.47 23.93
N PRO A 100 -30.80 14.73 24.06
CA PRO A 100 -29.39 14.90 24.45
C PRO A 100 -29.15 14.60 25.92
N ASP A 101 -27.89 14.37 26.27
CA ASP A 101 -27.53 14.25 27.69
C ASP A 101 -27.40 15.65 28.29
N PRO A 102 -28.04 15.90 29.45
CA PRO A 102 -28.10 17.24 30.00
C PRO A 102 -26.77 17.78 30.54
N TYR A 103 -25.95 16.90 31.11
CA TYR A 103 -24.63 17.26 31.62
C TYR A 103 -23.70 17.62 30.46
N GLU A 104 -23.72 16.77 29.44
CA GLU A 104 -22.91 16.98 28.24
C GLU A 104 -23.33 18.28 27.53
N SER A 105 -24.63 18.53 27.45
CA SER A 105 -25.16 19.71 26.74
C SER A 105 -24.67 21.02 27.35
N GLU A 106 -24.35 21.02 28.65
CA GLU A 106 -23.86 22.23 29.28
C GLU A 106 -22.38 22.47 29.02
N ARG A 107 -21.67 21.44 28.55
CA ARG A 107 -20.21 21.47 28.48
C ARG A 107 -19.59 21.44 27.09
N VAL A 108 -20.32 20.93 26.11
CA VAL A 108 -19.77 20.78 24.75
C VAL A 108 -20.79 21.09 23.66
N TYR A 109 -20.25 21.43 22.49
CA TYR A 109 -21.07 21.58 21.30
C TYR A 109 -20.30 21.10 20.07
N VAL A 110 -21.05 20.80 19.01
CA VAL A 110 -20.48 20.33 17.75
C VAL A 110 -20.42 21.52 16.79
N ALA A 111 -19.28 21.66 16.12
CA ALA A 111 -19.15 22.62 15.03
C ALA A 111 -18.09 22.13 14.04
N GLU A 112 -17.79 22.91 12.99
CA GLU A 112 -16.73 22.50 12.07
C GLU A 112 -15.42 22.41 12.83
N SER A 113 -14.69 21.29 12.66
CA SER A 113 -13.37 21.13 13.28
C SER A 113 -12.41 22.21 12.79
N LEU A 114 -11.51 22.63 13.68
CA LEU A 114 -10.45 23.55 13.29
C LEU A 114 -9.35 22.87 12.49
N ILE A 115 -9.34 21.54 12.50
CA ILE A 115 -8.40 20.75 11.70
C ILE A 115 -8.93 20.77 10.27
N SER A 116 -8.07 21.14 9.32
CA SER A 116 -8.51 21.26 7.93
CA SER A 116 -8.47 21.24 7.91
C SER A 116 -9.04 19.93 7.37
N SER A 117 -10.19 20.00 6.70
CA SER A 117 -10.86 18.85 6.06
C SER A 117 -11.27 17.70 6.97
N ALA A 118 -11.24 17.93 8.28
CA ALA A 118 -11.54 16.85 9.24
C ALA A 118 -13.01 16.76 9.67
N GLY A 119 -13.90 17.41 8.93
CA GLY A 119 -15.34 17.30 9.19
C GLY A 119 -15.72 18.10 10.43
N GLU A 120 -16.62 17.54 11.23
CA GLU A 120 -17.04 18.19 12.45
C GLU A 120 -16.10 17.85 13.56
N GLY A 121 -16.10 18.70 14.58
CA GLY A 121 -15.37 18.43 15.81
C GLY A 121 -16.22 18.77 17.01
N LEU A 122 -15.62 18.54 18.18
CA LEU A 122 -16.27 18.76 19.47
C LEU A 122 -15.56 19.91 20.16
N PHE A 123 -16.33 20.83 20.74
CA PHE A 123 -15.79 22.05 21.34
C PHE A 123 -16.32 22.25 22.75
N SER A 124 -15.49 22.86 23.61
CA SER A 124 -15.94 23.21 24.96
C SER A 124 -16.88 24.41 24.94
N LYS A 125 -18.00 24.31 25.65
CA LYS A 125 -18.97 25.39 25.74
C LYS A 125 -18.55 26.40 26.80
N VAL A 126 -17.82 25.91 27.80
CA VAL A 126 -17.41 26.69 28.97
C VAL A 126 -15.97 26.36 29.36
N ALA A 127 -15.35 27.23 30.16
CA ALA A 127 -14.05 26.95 30.76
C ALA A 127 -14.17 25.91 31.87
N VAL A 128 -13.25 24.96 31.85
CA VAL A 128 -13.18 23.88 32.86
C VAL A 128 -11.73 23.64 33.29
N GLY A 129 -11.56 23.05 34.47
CA GLY A 129 -10.22 22.65 34.91
C GLY A 129 -9.80 21.30 34.36
N PRO A 130 -8.59 20.84 34.72
CA PRO A 130 -8.15 19.51 34.32
C PRO A 130 -9.01 18.42 34.93
N ASN A 131 -8.99 17.25 34.30
CA ASN A 131 -9.67 16.04 34.79
C ASN A 131 -11.19 16.14 34.85
N THR A 132 -11.74 17.00 34.00
CA THR A 132 -13.20 17.21 33.95
C THR A 132 -13.84 16.35 32.87
N VAL A 133 -14.84 15.55 33.26
CA VAL A 133 -15.65 14.82 32.26
C VAL A 133 -16.47 15.81 31.44
N MET A 134 -16.34 15.73 30.12
CA MET A 134 -16.98 16.68 29.20
C MET A 134 -18.07 16.06 28.36
N SER A 135 -17.86 14.81 27.96
CA SER A 135 -18.71 14.22 26.93
C SER A 135 -18.72 12.72 27.08
N PHE A 136 -19.74 12.08 26.51
CA PHE A 136 -19.91 10.63 26.63
C PHE A 136 -19.78 9.95 25.28
N TYR A 137 -19.13 8.79 25.28
CA TYR A 137 -19.00 8.01 24.06
C TYR A 137 -19.88 6.77 24.19
N ASN A 138 -21.14 6.91 23.78
CA ASN A 138 -22.07 5.78 23.69
C ASN A 138 -22.19 5.34 22.23
N GLY A 139 -22.66 4.12 22.01
CA GLY A 139 -22.92 3.63 20.67
C GLY A 139 -23.36 2.19 20.75
N VAL A 140 -23.54 1.55 19.60
CA VAL A 140 -23.90 0.14 19.57
C VAL A 140 -22.74 -0.72 20.07
N ARG A 141 -23.06 -1.89 20.61
CA ARG A 141 -22.06 -2.76 21.21
C ARG A 141 -21.80 -3.93 20.31
N ILE A 142 -20.59 -4.01 19.79
CA ILE A 142 -20.20 -5.09 18.89
C ILE A 142 -18.89 -5.73 19.38
N THR A 143 -18.57 -6.93 18.89
CA THR A 143 -17.35 -7.59 19.33
C THR A 143 -16.12 -7.09 18.56
N HIS A 144 -14.95 -7.23 19.18
CA HIS A 144 -13.70 -6.95 18.48
C HIS A 144 -13.56 -7.81 17.23
N GLN A 145 -13.98 -9.07 17.35
CA GLN A 145 -13.89 -10.04 16.24
C GLN A 145 -14.71 -9.56 15.04
N GLU A 146 -15.88 -8.99 15.32
CA GLU A 146 -16.76 -8.44 14.28
C GLU A 146 -16.13 -7.23 13.60
N VAL A 147 -15.48 -6.37 14.39
CA VAL A 147 -14.82 -5.18 13.86
C VAL A 147 -13.61 -5.54 13.01
N ASP A 148 -12.84 -6.53 13.46
CA ASP A 148 -11.59 -6.90 12.79
C ASP A 148 -11.86 -7.59 11.46
N SER A 149 -12.94 -8.36 11.41
CA SER A 149 -13.25 -9.20 10.25
C SER A 149 -13.98 -8.46 9.15
N ARG A 150 -14.72 -7.42 9.51
CA ARG A 150 -15.47 -6.64 8.53
C ARG A 150 -14.57 -5.65 7.81
N ASP A 151 -15.12 -4.99 6.80
CA ASP A 151 -14.41 -3.98 6.03
C ASP A 151 -13.92 -2.87 6.95
N TRP A 152 -12.63 -2.60 6.94
CA TRP A 152 -12.05 -1.60 7.85
C TRP A 152 -12.48 -0.16 7.56
N ALA A 153 -13.10 0.08 6.39
CA ALA A 153 -13.71 1.39 6.09
C ALA A 153 -14.93 1.70 6.98
N LEU A 154 -15.39 0.69 7.68
CA LEU A 154 -16.55 0.83 8.55
C LEU A 154 -16.14 1.19 9.98
N ASN A 155 -14.84 1.36 10.20
CA ASN A 155 -14.31 1.42 11.56
C ASN A 155 -13.77 2.79 11.98
N GLY A 156 -14.37 3.85 11.46
CA GLY A 156 -13.97 5.22 11.83
C GLY A 156 -14.35 5.61 13.26
N ASN A 157 -15.46 5.05 13.74
CA ASN A 157 -16.02 5.43 15.05
C ASN A 157 -16.00 4.29 16.07
N THR A 158 -15.23 3.25 15.79
CA THR A 158 -15.16 2.09 16.69
C THR A 158 -14.17 2.32 17.84
N LEU A 159 -14.71 2.46 19.05
CA LEU A 159 -13.88 2.66 20.25
C LEU A 159 -13.95 1.44 21.15
N SER A 160 -12.79 0.88 21.49
CA SER A 160 -12.73 -0.28 22.38
C SER A 160 -13.24 0.07 23.78
N LEU A 161 -14.19 -0.72 24.27
CA LEU A 161 -14.71 -0.57 25.62
C LEU A 161 -13.93 -1.45 26.59
N ASP A 162 -13.78 -2.71 26.22
CA ASP A 162 -12.99 -3.69 26.97
C ASP A 162 -12.43 -4.74 26.03
N GLU A 163 -11.86 -5.81 26.58
CA GLU A 163 -11.27 -6.88 25.76
C GLU A 163 -12.30 -7.58 24.87
N GLU A 164 -13.57 -7.53 25.25
CA GLU A 164 -14.63 -8.22 24.51
C GLU A 164 -15.44 -7.30 23.58
N THR A 165 -15.64 -6.05 24.01
CA THR A 165 -16.65 -5.17 23.43
C THR A 165 -16.06 -3.90 22.81
N VAL A 166 -16.60 -3.54 21.65
CA VAL A 166 -16.33 -2.27 20.98
C VAL A 166 -17.63 -1.48 20.94
N ILE A 167 -17.51 -0.17 21.19
CA ILE A 167 -18.59 0.80 21.06
CA ILE A 167 -18.62 0.76 21.04
C ILE A 167 -18.47 1.47 19.69
N ASP A 168 -19.55 1.46 18.91
CA ASP A 168 -19.51 2.05 17.55
C ASP A 168 -20.66 3.03 17.34
N VAL A 169 -20.41 4.05 16.53
CA VAL A 169 -21.47 4.95 16.11
C VAL A 169 -21.52 4.84 14.58
N PRO A 170 -22.27 3.86 14.07
CA PRO A 170 -22.32 3.65 12.61
C PRO A 170 -23.28 4.61 11.94
N GLU A 171 -23.16 4.74 10.60
CA GLU A 171 -24.17 5.44 9.83
C GLU A 171 -25.56 4.88 10.12
N PRO A 172 -26.60 5.75 10.19
CA PRO A 172 -26.58 7.20 9.99
C PRO A 172 -26.37 7.99 11.29
N TYR A 173 -25.99 7.28 12.35
CA TYR A 173 -25.96 7.87 13.68
C TYR A 173 -24.74 8.76 13.91
N ASN A 174 -23.81 8.78 12.95
CA ASN A 174 -22.67 9.69 13.04
C ASN A 174 -23.05 11.10 12.62
N HIS A 175 -24.33 11.33 12.30
CA HIS A 175 -24.81 12.67 12.02
CA HIS A 175 -24.81 12.69 12.02
C HIS A 175 -25.72 13.12 13.15
N VAL A 176 -25.51 14.35 13.65
CA VAL A 176 -26.29 14.83 14.81
C VAL A 176 -27.78 14.95 14.55
N SER A 177 -28.17 15.03 13.28
CA SER A 177 -29.60 15.08 12.92
C SER A 177 -30.29 13.74 13.16
N LYS A 178 -29.50 12.68 13.32
CA LYS A 178 -30.03 11.35 13.61
C LYS A 178 -29.70 10.81 15.00
N TYR A 179 -28.60 11.29 15.58
CA TYR A 179 -28.20 10.84 16.90
C TYR A 179 -27.43 11.94 17.61
N CYS A 180 -27.93 12.34 18.78
CA CYS A 180 -27.21 13.30 19.59
C CYS A 180 -27.35 13.03 21.09
N ALA A 181 -27.72 11.81 21.45
CA ALA A 181 -27.84 11.45 22.88
C ALA A 181 -26.48 11.56 23.59
N SER A 182 -25.42 11.29 22.85
CA SER A 182 -24.06 11.51 23.32
C SER A 182 -23.25 12.08 22.16
N LEU A 183 -22.13 12.72 22.45
CA LEU A 183 -21.37 13.40 21.39
C LEU A 183 -19.87 13.11 21.36
N GLY A 184 -19.46 12.12 22.15
CA GLY A 184 -18.04 11.77 22.29
C GLY A 184 -17.38 11.42 20.97
N HIS A 185 -18.17 10.83 20.06
CA HIS A 185 -17.71 10.41 18.74
C HIS A 185 -17.46 11.59 17.80
N LYS A 186 -17.68 12.82 18.29
CA LYS A 186 -17.37 13.98 17.46
C LYS A 186 -15.99 14.56 17.73
N ALA A 187 -15.29 14.05 18.75
CA ALA A 187 -13.95 14.56 19.06
C ALA A 187 -12.91 14.02 18.08
N ASN A 188 -12.19 14.93 17.45
CA ASN A 188 -11.15 14.58 16.49
C ASN A 188 -9.83 14.18 17.14
N HIS A 189 -8.95 13.59 16.35
CA HIS A 189 -7.64 13.17 16.83
C HIS A 189 -6.64 14.32 16.82
N SER A 190 -5.79 14.35 17.85
CA SER A 190 -4.59 15.19 17.81
C SER A 190 -3.43 14.49 18.51
N PHE A 191 -2.22 14.74 18.02
CA PHE A 191 -1.01 14.26 18.69
C PHE A 191 -0.64 15.17 19.86
N THR A 192 -1.29 16.34 19.92
CA THR A 192 -1.20 17.23 21.10
C THR A 192 -2.61 17.41 21.69
N PRO A 193 -3.19 16.33 22.20
CA PRO A 193 -4.59 16.37 22.64
C PRO A 193 -4.78 17.16 23.94
N ASN A 194 -5.99 17.64 24.18
CA ASN A 194 -6.30 18.23 25.49
C ASN A 194 -7.26 17.36 26.31
N CYS A 195 -7.61 16.20 25.78
CA CYS A 195 -8.49 15.24 26.48
C CYS A 195 -8.00 13.80 26.32
N ILE A 196 -8.56 12.92 27.14
CA ILE A 196 -8.39 11.47 27.02
C ILE A 196 -9.73 10.77 27.07
N TYR A 197 -9.79 9.53 26.58
CA TYR A 197 -10.93 8.67 26.84
C TYR A 197 -10.74 8.00 28.19
N ASP A 198 -11.83 7.89 28.94
CA ASP A 198 -11.81 7.24 30.24
C ASP A 198 -13.05 6.40 30.39
N MET A 199 -13.06 5.49 31.37
CA MET A 199 -14.23 4.67 31.63
C MET A 199 -15.33 5.52 32.23
N PHE A 200 -16.58 5.15 31.98
CA PHE A 200 -17.70 5.85 32.59
C PHE A 200 -18.86 4.92 32.81
N VAL A 201 -19.50 5.06 33.98
CA VAL A 201 -20.71 4.29 34.24
C VAL A 201 -21.91 5.25 34.21
N HIS A 202 -22.69 5.16 33.13
CA HIS A 202 -23.75 6.12 32.88
C HIS A 202 -25.14 5.53 33.23
N PRO A 203 -26.03 6.33 33.85
CA PRO A 203 -27.33 5.80 34.30
C PRO A 203 -28.29 5.51 33.14
N ARG A 204 -28.05 6.16 32.01
CA ARG A 204 -28.86 5.94 30.81
C ARG A 204 -28.17 4.93 29.88
N PHE A 205 -26.88 5.14 29.64
CA PHE A 205 -26.14 4.34 28.64
C PHE A 205 -25.49 3.05 29.16
N GLY A 206 -25.40 2.89 30.47
CA GLY A 206 -24.63 1.79 31.03
C GLY A 206 -23.13 2.07 31.03
N PRO A 207 -22.31 1.01 31.10
CA PRO A 207 -20.86 1.13 31.05
C PRO A 207 -20.42 1.51 29.66
N ILE A 208 -19.84 2.69 29.55
CA ILE A 208 -19.37 3.25 28.29
C ILE A 208 -18.01 3.92 28.52
N LYS A 209 -17.59 4.80 27.60
CA LYS A 209 -16.43 5.64 27.85
C LYS A 209 -16.86 7.10 27.84
N CYS A 210 -15.98 7.96 28.35
CA CYS A 210 -16.20 9.41 28.33
C CYS A 210 -14.98 10.13 27.81
N ILE A 211 -15.11 11.44 27.60
CA ILE A 211 -14.01 12.30 27.25
C ILE A 211 -13.74 13.18 28.47
N ARG A 212 -12.49 13.17 28.94
CA ARG A 212 -12.10 13.87 30.15
C ARG A 212 -10.90 14.77 29.83
N THR A 213 -10.92 16.01 30.28
CA THR A 213 -9.81 16.92 30.00
C THR A 213 -8.51 16.50 30.68
N LEU A 214 -7.40 16.85 30.04
CA LEU A 214 -6.05 16.58 30.54
C LEU A 214 -5.39 17.80 31.15
N ARG A 215 -6.01 18.94 30.88
CA ARG A 215 -5.54 20.22 31.36
C ARG A 215 -6.73 21.14 31.49
N ALA A 216 -6.51 22.33 32.04
CA ALA A 216 -7.54 23.37 32.02
C ALA A 216 -7.81 23.72 30.55
N VAL A 217 -9.08 23.87 30.22
CA VAL A 217 -9.49 24.15 28.84
C VAL A 217 -10.41 25.38 28.87
N GLU A 218 -10.17 26.33 27.97
CA GLU A 218 -11.02 27.52 27.91
CA GLU A 218 -10.97 27.56 27.82
C GLU A 218 -12.22 27.28 27.00
N ALA A 219 -13.20 28.17 27.08
CA ALA A 219 -14.39 28.05 26.25
C ALA A 219 -14.01 28.17 24.79
N ASP A 220 -14.70 27.38 23.96
CA ASP A 220 -14.59 27.40 22.49
C ASP A 220 -13.29 26.82 21.92
N GLU A 221 -12.50 26.18 22.78
CA GLU A 221 -11.37 25.37 22.33
C GLU A 221 -11.94 24.11 21.71
N GLU A 222 -11.27 23.58 20.69
CA GLU A 222 -11.61 22.24 20.21
C GLU A 222 -11.11 21.21 21.22
N LEU A 223 -11.95 20.19 21.48
CA LEU A 223 -11.58 19.05 22.30
C LEU A 223 -11.04 17.93 21.41
N THR A 224 -9.82 17.50 21.70
CA THR A 224 -9.17 16.47 20.90
C THR A 224 -8.58 15.40 21.80
N VAL A 225 -8.45 14.18 21.26
CA VAL A 225 -7.91 13.03 21.99
C VAL A 225 -6.88 12.35 21.09
N ALA A 226 -5.84 11.77 21.67
CA ALA A 226 -4.95 10.94 20.82
C ALA A 226 -5.58 9.57 20.59
N TYR A 227 -5.91 9.26 19.33
CA TYR A 227 -6.54 7.98 18.99
C TYR A 227 -5.58 6.81 19.23
N GLY A 228 -6.16 5.64 19.47
CA GLY A 228 -5.40 4.45 19.80
C GLY A 228 -5.13 3.59 18.60
N TYR A 229 -4.05 3.89 17.91
CA TYR A 229 -3.48 3.04 16.88
C TYR A 229 -2.10 2.67 17.41
N ASP A 230 -1.91 1.38 17.64
CA ASP A 230 -0.64 0.81 18.15
C ASP A 230 -0.80 -0.69 18.40
N GLU A 240 -1.08 -0.96 11.05
CA GLU A 240 -2.07 -0.33 10.18
C GLU A 240 -2.86 0.74 10.92
N ALA A 241 -3.06 1.87 10.26
CA ALA A 241 -3.86 2.98 10.74
C ALA A 241 -4.45 3.65 9.49
N PRO A 242 -5.53 4.45 9.64
CA PRO A 242 -6.09 5.10 8.46
C PRO A 242 -5.10 6.03 7.79
N GLU A 243 -5.24 6.22 6.48
CA GLU A 243 -4.32 7.05 5.76
C GLU A 243 -4.21 8.48 6.32
N TRP A 244 -5.33 9.08 6.73
CA TRP A 244 -5.29 10.45 7.28
C TRP A 244 -4.39 10.49 8.53
N TYR A 245 -4.39 9.40 9.28
CA TYR A 245 -3.60 9.34 10.51
C TYR A 245 -2.13 9.14 10.19
N GLN A 246 -1.83 8.25 9.24
CA GLN A 246 -0.44 8.07 8.79
C GLN A 246 0.15 9.39 8.28
N VAL A 247 -0.63 10.10 7.47
CA VAL A 247 -0.22 11.39 6.92
C VAL A 247 0.03 12.43 8.02
N GLU A 248 -0.90 12.51 8.97
CA GLU A 248 -0.76 13.47 10.06
C GLU A 248 0.42 13.15 10.98
N LEU A 249 0.67 11.86 11.22
CA LEU A 249 1.82 11.44 12.02
C LEU A 249 3.14 11.88 11.40
N LYS A 250 3.29 11.64 10.10
CA LYS A 250 4.54 12.01 9.43
C LYS A 250 4.73 13.53 9.49
N ALA A 251 3.62 14.26 9.36
CA ALA A 251 3.62 15.71 9.40
C ALA A 251 3.93 16.25 10.79
N PHE A 252 3.35 15.61 11.81
CA PHE A 252 3.64 15.94 13.20
C PHE A 252 5.13 15.71 13.50
N GLN A 253 5.65 14.56 13.09
CA GLN A 253 7.06 14.21 13.32
C GLN A 253 8.02 15.21 12.67
N ALA A 254 7.69 15.64 11.45
CA ALA A 254 8.51 16.61 10.72
C ALA A 254 8.46 18.00 11.35
N THR A 255 7.34 18.31 12.00
CA THR A 255 7.09 19.61 12.64
C THR A 255 7.88 19.81 13.94
N GLN A 256 8.19 18.71 14.63
CA GLN A 256 8.84 18.78 15.94
C GLN A 256 10.24 19.37 15.85
N GLN A 257 10.50 20.39 16.66
CA GLN A 257 11.83 20.97 16.75
C GLN A 257 12.75 20.00 17.48
N LYS A 258 14.01 19.97 17.07
CA LYS A 258 14.97 19.04 17.66
C LYS A 258 16.26 19.75 18.02
N HIS A 259 16.99 19.18 18.97
CA HIS A 259 18.35 19.60 19.25
C HIS A 259 19.23 19.17 18.09
N HIS A 260 20.11 20.06 17.65
CA HIS A 260 21.02 19.74 16.55
C HIS A 260 22.44 19.60 17.07
N HIS A 261 23.10 18.50 16.70
CA HIS A 261 24.43 18.18 17.23
C HIS A 261 25.54 18.90 16.47
N GLY B 9 -2.35 8.92 -45.28
CA GLY B 9 -3.73 8.65 -44.79
C GLY B 9 -3.94 8.76 -43.29
N VAL B 10 -3.98 9.99 -42.77
CA VAL B 10 -4.15 10.21 -41.33
C VAL B 10 -5.63 10.22 -40.96
N CYS B 11 -5.98 9.50 -39.89
CA CYS B 11 -7.35 9.46 -39.39
CA CYS B 11 -7.35 9.49 -39.39
C CYS B 11 -7.43 10.17 -38.04
N TRP B 12 -8.50 10.95 -37.83
CA TRP B 12 -8.79 11.56 -36.54
C TRP B 12 -10.12 10.97 -36.09
N ILE B 13 -10.13 10.33 -34.93
CA ILE B 13 -11.35 9.70 -34.44
C ILE B 13 -11.73 10.46 -33.18
N TYR B 14 -12.75 11.31 -33.26
CA TYR B 14 -13.19 12.08 -32.11
C TYR B 14 -14.25 11.33 -31.32
N TYR B 15 -14.07 11.32 -30.01
CA TYR B 15 -15.10 10.79 -29.13
C TYR B 15 -16.12 11.90 -28.88
N PRO B 16 -17.34 11.53 -28.47
CA PRO B 16 -18.34 12.55 -28.16
C PRO B 16 -17.85 13.61 -27.16
N ASP B 17 -16.96 13.19 -26.25
CA ASP B 17 -16.42 14.09 -25.22
C ASP B 17 -15.38 15.10 -25.71
N GLY B 18 -14.91 14.97 -26.94
CA GLY B 18 -14.00 15.97 -27.51
C GLY B 18 -12.55 15.51 -27.61
N GLY B 19 -12.22 14.43 -26.91
CA GLY B 19 -10.90 13.78 -27.06
C GLY B 19 -10.87 13.07 -28.41
N SER B 20 -9.68 12.68 -28.86
CA SER B 20 -9.52 12.05 -30.17
C SER B 20 -8.31 11.13 -30.22
N LEU B 21 -8.39 10.15 -31.11
CA LEU B 21 -7.25 9.31 -31.48
C LEU B 21 -6.84 9.74 -32.89
N VAL B 22 -5.56 9.98 -33.09
CA VAL B 22 -5.08 10.47 -34.38
C VAL B 22 -3.85 9.71 -34.86
N GLY B 23 -3.86 9.32 -36.14
CA GLY B 23 -2.71 8.63 -36.70
C GLY B 23 -2.99 7.95 -38.02
N GLU B 24 -1.91 7.51 -38.65
CA GLU B 24 -1.98 6.69 -39.86
C GLU B 24 -2.49 5.30 -39.50
N VAL B 25 -3.57 4.85 -40.12
CA VAL B 25 -4.06 3.49 -39.88
C VAL B 25 -3.20 2.48 -40.65
N ASN B 26 -3.16 1.24 -40.16
CA ASN B 26 -2.41 0.18 -40.84
C ASN B 26 -3.18 -0.39 -42.04
N GLU B 27 -2.64 -1.45 -42.65
CA GLU B 27 -3.25 -2.08 -43.83
C GLU B 27 -4.63 -2.69 -43.54
N ASP B 28 -4.87 -3.04 -42.27
CA ASP B 28 -6.15 -3.63 -41.87
C ASP B 28 -7.15 -2.59 -41.35
N GLY B 29 -6.78 -1.31 -41.48
CA GLY B 29 -7.64 -0.20 -41.07
C GLY B 29 -7.58 0.11 -39.58
N GLU B 30 -6.58 -0.45 -38.90
CA GLU B 30 -6.44 -0.33 -37.45
C GLU B 30 -5.47 0.77 -37.01
N MET B 31 -5.80 1.42 -35.91
CA MET B 31 -4.94 2.44 -35.31
C MET B 31 -3.77 1.77 -34.60
N THR B 32 -2.83 1.26 -35.40
CA THR B 32 -1.67 0.53 -34.90
C THR B 32 -0.38 1.11 -35.49
N GLY B 33 0.55 1.46 -34.62
CA GLY B 33 1.81 2.07 -35.02
C GLY B 33 2.57 2.73 -33.89
N GLU B 34 3.70 3.33 -34.24
CA GLU B 34 4.61 3.93 -33.26
C GLU B 34 4.45 5.44 -33.20
N LYS B 35 3.54 5.97 -34.02
CA LYS B 35 3.34 7.42 -34.15
C LYS B 35 1.86 7.80 -34.08
N ILE B 36 1.15 7.19 -33.14
CA ILE B 36 -0.28 7.43 -32.96
C ILE B 36 -0.41 8.24 -31.67
N ALA B 37 -1.47 9.05 -31.58
CA ALA B 37 -1.64 9.90 -30.41
C ALA B 37 -3.07 9.93 -29.94
N TYR B 38 -3.24 9.99 -28.63
CA TYR B 38 -4.50 10.46 -28.07
C TYR B 38 -4.34 11.94 -27.79
N VAL B 39 -5.31 12.74 -28.20
CA VAL B 39 -5.29 14.17 -27.96
C VAL B 39 -6.48 14.50 -27.07
N TYR B 40 -6.22 15.15 -25.95
CA TYR B 40 -7.26 15.57 -25.00
C TYR B 40 -8.20 16.63 -25.61
N PRO B 41 -9.34 16.93 -24.93
CA PRO B 41 -10.32 17.87 -25.46
C PRO B 41 -9.82 19.32 -25.69
N ASP B 42 -8.67 19.70 -25.11
CA ASP B 42 -8.11 21.04 -25.36
C ASP B 42 -7.41 21.13 -26.74
N GLU B 43 -7.36 19.99 -27.44
CA GLU B 43 -6.72 19.91 -28.78
C GLU B 43 -5.23 20.31 -28.74
N ARG B 44 -4.61 20.12 -27.58
CA ARG B 44 -3.20 20.49 -27.39
C ARG B 44 -2.42 19.45 -26.60
N THR B 45 -3.00 19.02 -25.48
CA THR B 45 -2.34 18.03 -24.64
C THR B 45 -2.50 16.66 -25.28
N ALA B 46 -1.40 15.95 -25.45
CA ALA B 46 -1.41 14.70 -26.18
C ALA B 46 -0.57 13.62 -25.54
N LEU B 47 -0.91 12.39 -25.87
CA LEU B 47 -0.15 11.22 -25.46
C LEU B 47 0.25 10.52 -26.75
N TYR B 48 1.55 10.51 -27.04
CA TYR B 48 2.04 10.17 -28.37
C TYR B 48 2.98 8.96 -28.33
N GLY B 49 2.68 7.97 -29.16
CA GLY B 49 3.59 6.84 -29.30
C GLY B 49 2.95 5.56 -29.80
N LYS B 50 3.20 4.48 -29.07
CA LYS B 50 2.82 3.15 -29.52
C LYS B 50 1.38 2.81 -29.12
N PHE B 51 0.57 2.48 -30.14
CA PHE B 51 -0.80 2.02 -29.97
C PHE B 51 -1.02 0.74 -30.76
N ILE B 52 -1.91 -0.12 -30.29
CA ILE B 52 -2.29 -1.33 -31.01
C ILE B 52 -3.80 -1.39 -31.07
N ASP B 53 -4.33 -1.34 -32.28
CA ASP B 53 -5.78 -1.27 -32.53
C ASP B 53 -6.46 -0.21 -31.65
N GLY B 54 -5.81 0.94 -31.55
CA GLY B 54 -6.35 2.08 -30.83
C GLY B 54 -6.12 2.02 -29.33
N GLU B 55 -5.47 0.96 -28.86
CA GLU B 55 -5.16 0.82 -27.41
C GLU B 55 -3.76 1.36 -27.12
N MET B 56 -3.66 2.24 -26.13
CA MET B 56 -2.39 2.87 -25.76
C MET B 56 -1.44 1.91 -25.08
N ILE B 57 -0.31 1.64 -25.73
CA ILE B 57 0.77 0.80 -25.17
C ILE B 57 1.83 1.67 -24.51
N GLU B 58 2.27 2.71 -25.20
CA GLU B 58 3.22 3.67 -24.67
C GLU B 58 2.92 5.05 -25.22
N GLY B 59 2.20 5.85 -24.45
CA GLY B 59 1.91 7.23 -24.83
C GLY B 59 2.75 8.21 -24.05
N LYS B 60 3.67 8.89 -24.72
CA LYS B 60 4.52 9.88 -24.07
C LYS B 60 3.82 11.23 -24.03
N LEU B 61 3.93 11.94 -22.91
CA LEU B 61 3.38 13.30 -22.82
C LEU B 61 3.94 14.19 -23.92
N ALA B 62 3.03 14.84 -24.64
CA ALA B 62 3.40 15.65 -25.80
C ALA B 62 2.44 16.82 -25.98
N THR B 63 2.79 17.74 -26.87
CA THR B 63 1.92 18.85 -27.20
C THR B 63 1.67 18.81 -28.70
N LEU B 64 0.40 18.95 -29.09
CA LEU B 64 0.06 19.16 -30.52
C LEU B 64 0.38 20.61 -30.86
N MET B 65 1.39 20.79 -31.71
CA MET B 65 1.93 22.11 -32.02
C MET B 65 1.22 22.76 -33.19
N SER B 66 0.89 21.93 -34.17
CA SER B 66 0.31 22.40 -35.43
C SER B 66 -0.17 21.20 -36.21
N THR B 67 -0.98 21.47 -37.22
CA THR B 67 -1.45 20.44 -38.13
CA THR B 67 -1.44 20.44 -38.14
C THR B 67 -1.34 21.00 -39.55
N GLU B 68 -0.94 20.15 -40.50
CA GLU B 68 -0.89 20.58 -41.89
C GLU B 68 -1.55 19.52 -42.76
N GLU B 69 -2.65 19.91 -43.41
CA GLU B 69 -3.43 19.00 -44.25
C GLU B 69 -3.81 17.74 -43.47
N GLY B 70 -4.23 17.93 -42.23
CA GLY B 70 -4.63 16.84 -41.37
C GLY B 70 -3.49 16.08 -40.70
N ARG B 71 -2.25 16.43 -41.05
CA ARG B 71 -1.08 15.75 -40.48
CA ARG B 71 -1.09 15.75 -40.46
C ARG B 71 -0.61 16.49 -39.21
N PRO B 72 -0.76 15.88 -38.03
CA PRO B 72 -0.35 16.58 -36.82
C PRO B 72 1.17 16.60 -36.61
N HIS B 73 1.64 17.67 -35.97
CA HIS B 73 3.02 17.74 -35.51
C HIS B 73 3.03 17.86 -33.99
N PHE B 74 3.67 16.88 -33.35
CA PHE B 74 3.79 16.83 -31.89
C PHE B 74 5.21 17.17 -31.45
N GLU B 75 5.33 17.70 -30.23
CA GLU B 75 6.61 17.94 -29.61
C GLU B 75 6.51 17.25 -28.26
N LEU B 76 7.49 16.42 -27.94
CA LEU B 76 7.53 15.72 -26.65
C LEU B 76 7.77 16.69 -25.50
N MET B 77 7.06 16.47 -24.40
CA MET B 77 7.25 17.26 -23.19
C MET B 77 8.37 16.65 -22.35
N PRO B 78 9.40 17.45 -22.02
CA PRO B 78 10.43 16.98 -21.09
C PRO B 78 9.80 16.44 -19.81
N GLY B 79 10.40 15.41 -19.24
CA GLY B 79 9.94 14.85 -17.97
C GLY B 79 9.71 13.35 -17.91
N ASN B 80 9.74 12.67 -19.06
CA ASN B 80 9.55 11.22 -19.12
C ASN B 80 8.24 10.76 -18.47
N SER B 81 7.17 11.52 -18.70
CA SER B 81 5.85 11.11 -18.27
C SER B 81 5.29 10.24 -19.39
N VAL B 82 4.97 8.99 -19.05
CA VAL B 82 4.45 8.02 -20.02
CA VAL B 82 4.49 8.00 -20.01
C VAL B 82 3.26 7.28 -19.46
N TYR B 83 2.32 6.92 -20.35
CA TYR B 83 1.07 6.30 -19.92
C TYR B 83 0.72 5.10 -20.77
N HIS B 84 -0.11 4.22 -20.23
CA HIS B 84 -0.65 3.10 -20.99
C HIS B 84 -2.07 2.80 -20.57
N PHE B 85 -2.77 2.07 -21.43
CA PHE B 85 -4.10 1.59 -21.09
C PHE B 85 -4.04 0.72 -19.83
N ASP B 86 -4.92 1.03 -18.88
CA ASP B 86 -4.81 0.49 -17.54
C ASP B 86 -6.18 0.50 -16.89
N LYS B 87 -7.15 -0.14 -17.55
CA LYS B 87 -8.52 -0.16 -17.10
C LYS B 87 -8.65 -0.88 -15.75
N SER B 88 -9.39 -0.29 -14.84
CA SER B 88 -9.60 -0.88 -13.52
C SER B 88 -10.40 -2.18 -13.57
N THR B 89 -10.30 -2.95 -12.48
CA THR B 89 -11.16 -4.10 -12.27
C THR B 89 -12.00 -3.82 -11.03
N SER B 90 -12.70 -4.85 -10.55
CA SER B 90 -13.51 -4.72 -9.33
CA SER B 90 -13.51 -4.72 -9.33
C SER B 90 -12.66 -4.41 -8.09
N SER B 91 -11.40 -4.84 -8.09
CA SER B 91 -10.55 -4.61 -6.92
C SER B 91 -9.27 -3.83 -7.17
N CYS B 92 -8.78 -3.83 -8.41
CA CYS B 92 -7.56 -3.09 -8.75
C CYS B 92 -7.90 -1.75 -9.43
N ILE B 93 -7.58 -0.65 -8.75
CA ILE B 93 -7.93 0.68 -9.25
C ILE B 93 -6.99 1.22 -10.33
N SER B 94 -5.73 0.78 -10.30
CA SER B 94 -4.66 1.32 -11.13
C SER B 94 -3.37 0.54 -10.86
N THR B 95 -2.51 0.41 -11.86
CA THR B 95 -1.17 -0.14 -11.63
C THR B 95 -0.13 0.97 -11.41
N ASN B 96 -0.58 2.22 -11.41
CA ASN B 96 0.25 3.38 -11.02
C ASN B 96 -0.63 4.49 -10.41
N ALA B 97 -1.05 4.22 -9.17
CA ALA B 97 -2.04 5.01 -8.47
C ALA B 97 -1.61 6.45 -8.24
N LEU B 98 -0.30 6.69 -8.19
CA LEU B 98 0.19 8.03 -7.88
C LEU B 98 0.67 8.82 -9.10
N LEU B 99 0.42 8.29 -10.29
CA LEU B 99 0.75 8.99 -11.52
C LEU B 99 -0.44 9.87 -11.92
N PRO B 100 -0.31 11.21 -11.82
CA PRO B 100 -1.49 12.01 -12.06
C PRO B 100 -1.78 12.15 -13.54
N ASP B 101 -3.06 12.29 -13.88
CA ASP B 101 -3.39 12.63 -15.26
C ASP B 101 -2.86 14.03 -15.61
N PRO B 102 -2.14 14.17 -16.75
CA PRO B 102 -1.49 15.43 -17.10
C PRO B 102 -2.44 16.58 -17.44
N TYR B 103 -3.57 16.25 -18.05
CA TYR B 103 -4.57 17.23 -18.45
C TYR B 103 -5.30 17.75 -17.21
N GLU B 104 -5.69 16.83 -16.34
CA GLU B 104 -6.39 17.16 -15.10
C GLU B 104 -5.50 17.97 -14.16
N SER B 105 -4.21 17.62 -14.10
CA SER B 105 -3.24 18.26 -13.21
CA SER B 105 -3.29 18.27 -13.18
C SER B 105 -3.11 19.75 -13.47
N GLU B 106 -3.36 20.16 -14.72
CA GLU B 106 -3.22 21.58 -15.05
C GLU B 106 -4.51 22.36 -14.88
N ARG B 107 -5.58 21.68 -14.46
CA ARG B 107 -6.91 22.30 -14.37
C ARG B 107 -7.55 22.30 -12.98
N VAL B 108 -7.15 21.35 -12.15
CA VAL B 108 -7.77 21.21 -10.81
C VAL B 108 -6.77 20.87 -9.72
N TYR B 109 -7.15 21.17 -8.48
CA TYR B 109 -6.37 20.76 -7.32
C TYR B 109 -7.32 20.47 -6.16
N VAL B 110 -6.83 19.70 -5.20
CA VAL B 110 -7.59 19.32 -4.01
C VAL B 110 -7.20 20.26 -2.87
N ALA B 111 -8.19 20.74 -2.12
CA ALA B 111 -7.95 21.50 -0.89
C ALA B 111 -9.16 21.34 0.02
N GLU B 112 -9.13 21.96 1.20
CA GLU B 112 -10.31 21.93 2.07
C GLU B 112 -11.52 22.54 1.37
N SER B 113 -12.64 21.83 1.36
CA SER B 113 -13.87 22.37 0.78
C SER B 113 -14.29 23.66 1.48
N LEU B 114 -14.85 24.59 0.72
CA LEU B 114 -15.45 25.79 1.28
C LEU B 114 -16.77 25.47 1.99
N ILE B 115 -17.33 24.28 1.75
CA ILE B 115 -18.55 23.82 2.42
C ILE B 115 -18.15 23.37 3.82
N SER B 116 -18.83 23.92 4.83
CA SER B 116 -18.51 23.57 6.22
CA SER B 116 -18.50 23.58 6.21
C SER B 116 -18.54 22.07 6.48
N SER B 117 -17.46 21.57 7.06
CA SER B 117 -17.34 20.16 7.52
C SER B 117 -17.46 19.08 6.45
N ALA B 118 -17.34 19.49 5.19
CA ALA B 118 -17.51 18.56 4.07
C ALA B 118 -16.19 17.93 3.58
N GLY B 119 -15.15 18.00 4.39
CA GLY B 119 -13.87 17.37 4.05
C GLY B 119 -13.12 18.13 2.96
N GLU B 120 -12.50 17.37 2.06
CA GLU B 120 -11.80 17.99 0.93
C GLU B 120 -12.76 18.28 -0.21
N GLY B 121 -12.36 19.22 -1.05
CA GLY B 121 -13.08 19.53 -2.27
C GLY B 121 -12.13 19.66 -3.43
N LEU B 122 -12.72 19.88 -4.60
CA LEU B 122 -11.98 20.02 -5.85
C LEU B 122 -12.11 21.45 -6.33
N PHE B 123 -11.00 22.05 -6.76
CA PHE B 123 -10.95 23.47 -7.12
C PHE B 123 -10.35 23.69 -8.50
N SER B 124 -10.78 24.77 -9.15
CA SER B 124 -10.20 25.10 -10.45
C SER B 124 -8.84 25.79 -10.28
N LYS B 125 -7.87 25.33 -11.06
CA LYS B 125 -6.55 25.93 -11.10
C LYS B 125 -6.55 27.16 -12.00
N VAL B 126 -7.46 27.18 -12.97
CA VAL B 126 -7.47 28.22 -14.01
C VAL B 126 -8.89 28.68 -14.39
N ALA B 127 -8.99 29.79 -15.10
CA ALA B 127 -10.27 30.25 -15.62
C ALA B 127 -10.58 29.52 -16.92
N VAL B 128 -11.79 28.96 -17.01
CA VAL B 128 -12.24 28.20 -18.19
C VAL B 128 -13.66 28.59 -18.56
N GLY B 129 -14.06 28.30 -19.80
CA GLY B 129 -15.41 28.58 -20.25
C GLY B 129 -16.38 27.45 -19.89
N PRO B 130 -17.67 27.62 -20.25
CA PRO B 130 -18.63 26.54 -20.10
C PRO B 130 -18.22 25.31 -20.90
N ASN B 131 -18.72 24.15 -20.46
CA ASN B 131 -18.58 22.88 -21.20
C ASN B 131 -17.15 22.36 -21.28
N THR B 132 -16.34 22.72 -20.29
CA THR B 132 -14.93 22.33 -20.28
C THR B 132 -14.72 21.13 -19.36
N VAL B 133 -14.12 20.07 -19.91
CA VAL B 133 -13.71 18.91 -19.10
C VAL B 133 -12.59 19.35 -18.13
N MET B 134 -12.78 19.08 -16.84
CA MET B 134 -11.83 19.51 -15.82
C MET B 134 -11.12 18.36 -15.12
N SER B 135 -11.85 17.26 -14.95
CA SER B 135 -11.40 16.20 -14.06
C SER B 135 -12.00 14.87 -14.49
N PHE B 136 -11.33 13.80 -14.09
CA PHE B 136 -11.77 12.46 -14.42
C PHE B 136 -12.22 11.69 -13.21
N TYR B 137 -13.30 10.94 -13.36
CA TYR B 137 -13.80 10.11 -12.27
C TYR B 137 -13.51 8.66 -12.62
N ASN B 138 -12.28 8.25 -12.31
CA ASN B 138 -11.87 6.85 -12.42
C ASN B 138 -12.04 6.14 -11.08
N GLY B 139 -12.13 4.81 -11.12
CA GLY B 139 -12.23 4.01 -9.91
C GLY B 139 -12.39 2.55 -10.26
N VAL B 140 -12.48 1.71 -9.24
CA VAL B 140 -12.83 0.31 -9.47
C VAL B 140 -14.24 0.16 -10.05
N ARG B 141 -14.48 -0.95 -10.75
CA ARG B 141 -15.74 -1.19 -11.42
C ARG B 141 -16.49 -2.30 -10.77
N ILE B 142 -17.66 -1.97 -10.24
CA ILE B 142 -18.48 -2.96 -9.54
C ILE B 142 -19.91 -2.90 -10.06
N THR B 143 -20.72 -3.91 -9.75
CA THR B 143 -22.11 -3.92 -10.22
C THR B 143 -23.01 -3.05 -9.36
N HIS B 144 -24.10 -2.55 -9.94
CA HIS B 144 -25.15 -1.88 -9.17
C HIS B 144 -25.68 -2.80 -8.07
N GLN B 145 -25.84 -4.09 -8.38
CA GLN B 145 -26.32 -5.09 -7.41
C GLN B 145 -25.42 -5.16 -6.17
N GLU B 146 -24.11 -5.19 -6.41
CA GLU B 146 -23.12 -5.23 -5.33
C GLU B 146 -23.24 -3.99 -4.44
N VAL B 147 -23.40 -2.83 -5.08
CA VAL B 147 -23.53 -1.56 -4.36
C VAL B 147 -24.82 -1.52 -3.53
N ASP B 148 -25.91 -1.93 -4.15
CA ASP B 148 -27.23 -1.88 -3.52
C ASP B 148 -27.33 -2.85 -2.34
N SER B 149 -26.69 -4.01 -2.47
CA SER B 149 -26.83 -5.08 -1.46
C SER B 149 -25.85 -4.97 -0.29
N ARG B 150 -24.73 -4.28 -0.49
CA ARG B 150 -23.74 -4.12 0.59
C ARG B 150 -24.14 -2.99 1.55
N ASP B 151 -23.36 -2.83 2.61
CA ASP B 151 -23.58 -1.79 3.62
C ASP B 151 -23.49 -0.44 2.93
N TRP B 152 -24.55 0.35 3.05
CA TRP B 152 -24.66 1.64 2.33
C TRP B 152 -23.66 2.70 2.80
N ALA B 153 -23.06 2.50 3.97
CA ALA B 153 -21.98 3.38 4.43
C ALA B 153 -20.71 3.24 3.57
N LEU B 154 -20.68 2.21 2.74
CA LEU B 154 -19.56 2.03 1.81
C LEU B 154 -19.77 2.79 0.50
N ASN B 155 -20.86 3.55 0.40
CA ASN B 155 -21.31 4.09 -0.89
C ASN B 155 -21.19 5.62 -1.08
N GLY B 156 -20.17 6.21 -0.45
CA GLY B 156 -19.93 7.66 -0.55
C GLY B 156 -19.40 8.09 -1.91
N ASN B 157 -18.62 7.21 -2.53
CA ASN B 157 -17.91 7.53 -3.77
C ASN B 157 -18.36 6.69 -4.97
N THR B 158 -19.50 6.01 -4.82
CA THR B 158 -20.04 5.18 -5.90
C THR B 158 -20.81 6.00 -6.93
N LEU B 159 -20.24 6.12 -8.13
CA LEU B 159 -20.85 6.86 -9.23
C LEU B 159 -21.30 5.90 -10.34
N SER B 160 -22.57 5.96 -10.70
CA SER B 160 -23.10 5.11 -11.77
C SER B 160 -22.41 5.44 -13.10
N LEU B 161 -21.91 4.40 -13.77
CA LEU B 161 -21.30 4.56 -15.10
C LEU B 161 -22.35 4.31 -16.19
N ASP B 162 -23.06 3.20 -16.05
CA ASP B 162 -24.18 2.85 -16.91
C ASP B 162 -25.15 1.99 -16.12
N GLU B 163 -26.09 1.35 -16.82
CA GLU B 163 -27.14 0.58 -16.17
C GLU B 163 -26.59 -0.62 -15.39
N GLU B 164 -25.42 -1.11 -15.79
CA GLU B 164 -24.82 -2.31 -15.19
C GLU B 164 -23.66 -2.04 -14.22
N THR B 165 -22.91 -0.95 -14.46
CA THR B 165 -21.63 -0.72 -13.78
C THR B 165 -21.58 0.57 -12.94
N VAL B 166 -20.94 0.48 -11.79
CA VAL B 166 -20.66 1.61 -10.92
C VAL B 166 -19.16 1.76 -10.78
N ILE B 167 -18.70 3.01 -10.79
CA ILE B 167 -17.30 3.38 -10.54
CA ILE B 167 -17.30 3.32 -10.51
C ILE B 167 -17.17 3.80 -9.07
N ASP B 168 -16.27 3.17 -8.32
CA ASP B 168 -16.12 3.49 -6.89
C ASP B 168 -14.68 3.91 -6.60
N VAL B 169 -14.49 4.81 -5.63
CA VAL B 169 -13.16 5.06 -5.09
C VAL B 169 -13.19 4.68 -3.61
N PRO B 170 -12.93 3.40 -3.30
CA PRO B 170 -13.00 2.88 -1.94
C PRO B 170 -11.75 3.20 -1.13
N GLU B 171 -11.84 3.14 0.19
CA GLU B 171 -10.65 3.24 1.03
CA GLU B 171 -10.65 3.24 1.03
C GLU B 171 -9.62 2.17 0.62
N PRO B 172 -8.31 2.52 0.66
CA PRO B 172 -7.70 3.78 1.08
C PRO B 172 -7.53 4.76 -0.08
N TYR B 173 -8.15 4.48 -1.22
CA TYR B 173 -7.90 5.28 -2.43
C TYR B 173 -8.60 6.65 -2.44
N ASN B 174 -9.48 6.88 -1.48
CA ASN B 174 -10.10 8.19 -1.32
C ASN B 174 -9.15 9.22 -0.70
N HIS B 175 -7.93 8.81 -0.37
CA HIS B 175 -6.91 9.72 0.13
CA HIS B 175 -6.92 9.74 0.11
C HIS B 175 -5.85 9.93 -0.96
N VAL B 176 -5.52 11.20 -1.23
CA VAL B 176 -4.58 11.52 -2.33
C VAL B 176 -3.17 10.95 -2.15
N SER B 177 -2.77 10.67 -0.91
CA SER B 177 -1.50 10.00 -0.65
C SER B 177 -1.47 8.54 -1.12
N LYS B 178 -2.63 7.95 -1.39
CA LYS B 178 -2.69 6.59 -1.89
C LYS B 178 -3.16 6.50 -3.34
N TYR B 179 -3.91 7.51 -3.78
CA TYR B 179 -4.42 7.53 -5.17
C TYR B 179 -4.62 8.96 -5.63
N CYS B 180 -3.93 9.36 -6.70
CA CYS B 180 -4.13 10.68 -7.25
C CYS B 180 -4.08 10.65 -8.79
N ALA B 181 -4.28 9.46 -9.35
CA ALA B 181 -4.27 9.32 -10.81
C ALA B 181 -5.43 10.11 -11.43
N SER B 182 -6.55 10.15 -10.71
CA SER B 182 -7.69 10.99 -11.09
C SER B 182 -8.23 11.63 -9.81
N LEU B 183 -9.00 12.70 -9.95
CA LEU B 183 -9.44 13.45 -8.77
C LEU B 183 -10.93 13.77 -8.75
N GLY B 184 -11.69 13.20 -9.70
CA GLY B 184 -13.13 13.53 -9.82
C GLY B 184 -13.94 13.24 -8.58
N HIS B 185 -13.53 12.20 -7.87
CA HIS B 185 -14.13 11.82 -6.59
C HIS B 185 -13.93 12.81 -5.46
N LYS B 186 -13.24 13.91 -5.72
CA LYS B 186 -13.06 14.95 -4.71
C LYS B 186 -14.07 16.09 -4.84
N ALA B 187 -14.86 16.11 -5.90
CA ALA B 187 -15.87 17.18 -6.08
C ALA B 187 -17.06 16.95 -5.15
N ASN B 188 -17.39 18.00 -4.39
CA ASN B 188 -18.54 17.96 -3.47
C ASN B 188 -19.87 18.30 -4.15
N HIS B 189 -20.95 18.07 -3.40
CA HIS B 189 -22.30 18.31 -3.87
C HIS B 189 -22.71 19.74 -3.67
N SER B 190 -23.44 20.29 -4.64
CA SER B 190 -24.17 21.54 -4.44
C SER B 190 -25.51 21.49 -5.17
N PHE B 191 -26.51 22.16 -4.60
CA PHE B 191 -27.79 22.40 -5.28
C PHE B 191 -27.73 23.54 -6.28
N THR B 192 -26.64 24.28 -6.25
CA THR B 192 -26.33 25.27 -7.29
C THR B 192 -24.95 24.92 -7.87
N PRO B 193 -24.85 23.78 -8.59
CA PRO B 193 -23.55 23.29 -9.05
C PRO B 193 -22.98 24.12 -10.19
N ASN B 194 -21.67 24.07 -10.37
CA ASN B 194 -21.07 24.66 -11.57
C ASN B 194 -20.54 23.62 -12.56
N CYS B 195 -20.74 22.34 -12.24
CA CYS B 195 -20.31 21.23 -13.10
C CYS B 195 -21.34 20.11 -13.17
N ILE B 196 -21.16 19.23 -14.16
CA ILE B 196 -21.92 17.99 -14.28
C ILE B 196 -20.96 16.81 -14.45
N TYR B 197 -21.44 15.61 -14.13
CA TYR B 197 -20.77 14.39 -14.59
C TYR B 197 -21.19 14.09 -16.03
N ASP B 198 -20.25 13.62 -16.84
CA ASP B 198 -20.50 13.34 -18.26
C ASP B 198 -19.68 12.13 -18.66
N MET B 199 -20.05 11.47 -19.76
CA MET B 199 -19.28 10.31 -20.24
C MET B 199 -17.91 10.76 -20.73
N PHE B 200 -16.95 9.85 -20.63
CA PHE B 200 -15.62 10.12 -21.14
C PHE B 200 -14.92 8.82 -21.50
N VAL B 201 -14.31 8.80 -22.69
CA VAL B 201 -13.54 7.65 -23.12
C VAL B 201 -12.07 8.00 -22.97
N HIS B 202 -11.45 7.44 -21.93
CA HIS B 202 -10.10 7.83 -21.55
C HIS B 202 -9.07 6.80 -22.06
N PRO B 203 -7.91 7.28 -22.58
CA PRO B 203 -6.95 6.31 -23.13
C PRO B 203 -6.24 5.45 -22.08
N ARG B 204 -6.16 5.96 -20.85
CA ARG B 204 -5.57 5.20 -19.74
C ARG B 204 -6.66 4.46 -18.97
N PHE B 205 -7.69 5.19 -18.56
CA PHE B 205 -8.72 4.62 -17.68
C PHE B 205 -9.82 3.85 -18.38
N GLY B 206 -9.94 3.99 -19.70
CA GLY B 206 -11.05 3.38 -20.42
C GLY B 206 -12.34 4.18 -20.27
N PRO B 207 -13.51 3.53 -20.43
CA PRO B 207 -14.78 4.26 -20.33
C PRO B 207 -15.08 4.66 -18.88
N ILE B 208 -15.13 5.96 -18.62
CA ILE B 208 -15.36 6.46 -17.27
C ILE B 208 -16.34 7.64 -17.32
N LYS B 209 -16.40 8.42 -16.26
CA LYS B 209 -17.04 9.71 -16.33
C LYS B 209 -16.01 10.80 -16.06
N CYS B 210 -16.38 12.02 -16.44
CA CYS B 210 -15.57 13.19 -16.17
C CYS B 210 -16.44 14.24 -15.49
N ILE B 211 -15.78 15.31 -15.02
CA ILE B 211 -16.45 16.48 -14.50
C ILE B 211 -16.31 17.56 -15.55
N ARG B 212 -17.44 18.08 -16.02
CA ARG B 212 -17.45 19.10 -17.07
C ARG B 212 -18.13 20.38 -16.58
N THR B 213 -17.53 21.54 -16.81
CA THR B 213 -18.20 22.78 -16.38
C THR B 213 -19.54 23.03 -17.07
N LEU B 214 -20.47 23.62 -16.32
CA LEU B 214 -21.77 24.06 -16.82
C LEU B 214 -21.76 25.52 -17.24
N ARG B 215 -20.78 26.25 -16.71
CA ARG B 215 -20.66 27.69 -16.88
C ARG B 215 -19.19 28.07 -16.88
N ALA B 216 -18.90 29.33 -17.18
CA ALA B 216 -17.54 29.86 -17.02
C ALA B 216 -17.15 29.73 -15.56
N VAL B 217 -15.94 29.21 -15.31
CA VAL B 217 -15.43 29.06 -13.95
C VAL B 217 -14.13 29.85 -13.81
N GLU B 218 -13.99 30.58 -12.71
CA GLU B 218 -12.76 31.33 -12.43
C GLU B 218 -11.77 30.53 -11.59
N ALA B 219 -10.50 30.93 -11.63
CA ALA B 219 -9.47 30.25 -10.85
C ALA B 219 -9.83 30.27 -9.37
N ASP B 220 -9.59 29.14 -8.73
CA ASP B 220 -9.75 28.97 -7.27
C ASP B 220 -11.21 28.87 -6.79
N GLU B 221 -12.15 28.79 -7.73
CA GLU B 221 -13.52 28.39 -7.41
C GLU B 221 -13.57 26.93 -7.04
N GLU B 222 -14.46 26.56 -6.12
CA GLU B 222 -14.72 25.16 -5.87
C GLU B 222 -15.60 24.61 -6.97
N LEU B 223 -15.26 23.41 -7.45
CA LEU B 223 -16.05 22.73 -8.47
C LEU B 223 -17.04 21.83 -7.76
N THR B 224 -18.33 21.99 -8.10
CA THR B 224 -19.39 21.23 -7.43
C THR B 224 -20.33 20.64 -8.47
N VAL B 225 -20.97 19.52 -8.11
CA VAL B 225 -21.93 18.84 -8.98
C VAL B 225 -23.17 18.53 -8.15
N ALA B 226 -24.34 18.50 -8.77
CA ALA B 226 -25.53 18.04 -8.07
C ALA B 226 -25.56 16.52 -8.08
N TYR B 227 -25.41 15.92 -6.89
CA TYR B 227 -25.39 14.47 -6.78
C TYR B 227 -26.74 13.88 -7.17
N GLY B 228 -26.71 12.65 -7.69
CA GLY B 228 -27.91 11.95 -8.12
C GLY B 228 -28.48 11.06 -7.03
N TYR B 229 -29.38 11.62 -6.25
CA TYR B 229 -30.19 10.84 -5.31
C TYR B 229 -31.64 11.04 -5.71
N ASP B 230 -32.39 9.94 -5.77
CA ASP B 230 -33.79 9.91 -6.17
C ASP B 230 -33.93 9.98 -7.70
N GLU B 240 -33.37 6.21 0.65
CA GLU B 240 -33.10 7.46 1.36
C GLU B 240 -31.67 7.98 1.16
N ALA B 241 -31.57 9.28 0.89
CA ALA B 241 -30.28 9.96 0.70
C ALA B 241 -29.49 10.00 2.02
N PRO B 242 -28.17 10.28 1.94
CA PRO B 242 -27.40 10.39 3.19
C PRO B 242 -27.88 11.57 4.03
N GLU B 243 -27.69 11.47 5.34
CA GLU B 243 -28.11 12.53 6.24
C GLU B 243 -27.61 13.92 5.87
N TRP B 244 -26.33 14.04 5.52
CA TRP B 244 -25.74 15.34 5.23
C TRP B 244 -26.50 15.97 4.05
N TYR B 245 -26.96 15.12 3.15
CA TYR B 245 -27.71 15.55 1.96
C TYR B 245 -29.11 16.01 2.34
N GLN B 246 -29.79 15.22 3.17
CA GLN B 246 -31.09 15.62 3.69
C GLN B 246 -31.03 16.97 4.43
N VAL B 247 -30.01 17.14 5.28
CA VAL B 247 -29.84 18.38 6.03
C VAL B 247 -29.56 19.58 5.11
N GLU B 248 -28.69 19.38 4.13
CA GLU B 248 -28.38 20.45 3.19
C GLU B 248 -29.60 20.86 2.37
N LEU B 249 -30.40 19.87 1.98
CA LEU B 249 -31.61 20.12 1.21
C LEU B 249 -32.56 21.04 1.96
N LYS B 250 -32.71 20.80 3.27
CA LYS B 250 -33.57 21.61 4.11
C LYS B 250 -33.01 23.03 4.28
N ALA B 251 -31.71 23.14 4.53
CA ALA B 251 -31.07 24.45 4.71
C ALA B 251 -31.12 25.26 3.44
N PHE B 252 -30.97 24.56 2.31
CA PHE B 252 -31.07 25.19 1.00
C PHE B 252 -32.49 25.68 0.73
N GLN B 253 -33.48 24.85 1.04
CA GLN B 253 -34.89 25.23 0.86
C GLN B 253 -35.28 26.43 1.74
N ALA B 254 -34.80 26.40 2.98
CA ALA B 254 -35.12 27.43 3.97
C ALA B 254 -34.55 28.80 3.63
N THR B 255 -33.50 28.83 2.82
CA THR B 255 -32.83 30.09 2.45
C THR B 255 -33.28 30.71 1.11
N GLN B 256 -34.03 29.96 0.31
CA GLN B 256 -34.51 30.46 -1.00
C GLN B 256 -35.49 31.62 -0.85
N GLN B 257 -35.20 32.73 -1.52
CA GLN B 257 -36.09 33.89 -1.52
C GLN B 257 -37.36 33.57 -2.30
N LYS B 258 -38.51 33.85 -1.69
CA LYS B 258 -39.80 33.61 -2.33
C LYS B 258 -40.56 34.92 -2.59
N HIS B 259 -41.41 34.90 -3.63
CA HIS B 259 -42.27 36.03 -3.93
C HIS B 259 -43.38 36.14 -2.89
N HIS B 260 -43.74 37.37 -2.52
CA HIS B 260 -44.81 37.60 -1.56
C HIS B 260 -46.11 38.02 -2.23
N GLY C 9 17.87 40.63 -5.00
CA GLY C 9 17.81 39.92 -3.67
C GLY C 9 17.83 38.40 -3.80
N VAL C 10 18.41 37.90 -4.90
CA VAL C 10 18.40 36.47 -5.22
C VAL C 10 19.69 35.81 -4.74
N CYS C 11 19.53 34.64 -4.13
CA CYS C 11 20.64 33.85 -3.62
CA CYS C 11 20.66 33.86 -3.65
C CYS C 11 20.76 32.55 -4.41
N TRP C 12 21.99 32.15 -4.71
CA TRP C 12 22.30 30.85 -5.28
C TRP C 12 23.19 30.11 -4.30
N ILE C 13 22.83 28.89 -3.96
CA ILE C 13 23.67 28.06 -3.11
C ILE C 13 24.04 26.83 -3.90
N TYR C 14 25.32 26.71 -4.25
CA TYR C 14 25.82 25.53 -5.02
C TYR C 14 26.39 24.46 -4.11
N TYR C 15 25.96 23.23 -4.34
CA TYR C 15 26.57 22.06 -3.69
C TYR C 15 27.85 21.67 -4.45
N PRO C 16 28.80 21.02 -3.76
CA PRO C 16 30.01 20.50 -4.41
C PRO C 16 29.70 19.65 -5.64
N ASP C 17 28.55 18.98 -5.66
CA ASP C 17 28.18 18.12 -6.78
C ASP C 17 27.71 18.88 -8.03
N GLY C 18 27.51 20.20 -7.89
CA GLY C 18 27.17 21.03 -9.03
C GLY C 18 25.71 21.45 -9.09
N GLY C 19 24.86 20.78 -8.32
CA GLY C 19 23.46 21.20 -8.17
C GLY C 19 23.40 22.45 -7.32
N SER C 20 22.24 23.11 -7.31
CA SER C 20 22.10 24.35 -6.57
C SER C 20 20.66 24.65 -6.14
N LEU C 21 20.54 25.49 -5.12
CA LEU C 21 19.26 26.09 -4.77
C LEU C 21 19.32 27.57 -5.12
N VAL C 22 18.26 28.07 -5.76
CA VAL C 22 18.21 29.46 -6.18
C VAL C 22 16.85 30.09 -5.86
N GLY C 23 16.88 31.28 -5.28
CA GLY C 23 15.66 32.02 -4.98
C GLY C 23 15.90 33.24 -4.12
N GLU C 24 14.88 34.08 -4.00
CA GLU C 24 14.92 35.21 -3.07
C GLU C 24 14.78 34.65 -1.66
N VAL C 25 15.66 35.06 -0.76
CA VAL C 25 15.51 34.63 0.63
C VAL C 25 14.42 35.46 1.31
N ASN C 26 13.84 34.91 2.38
CA ASN C 26 12.79 35.61 3.12
C ASN C 26 13.40 36.66 4.05
N GLU C 27 12.57 37.20 4.96
CA GLU C 27 13.01 38.21 5.93
C GLU C 27 14.07 37.68 6.92
N ASP C 28 14.08 36.37 7.13
CA ASP C 28 15.02 35.71 8.04
C ASP C 28 16.23 35.11 7.30
N GLY C 29 16.36 35.41 6.01
CA GLY C 29 17.45 34.90 5.19
C GLY C 29 17.38 33.42 4.87
N GLU C 30 16.17 32.86 4.94
CA GLU C 30 15.95 31.44 4.65
C GLU C 30 15.40 31.23 3.24
N MET C 31 15.77 30.12 2.62
CA MET C 31 15.25 29.74 1.30
C MET C 31 13.81 29.23 1.42
N THR C 32 12.91 30.17 1.74
CA THR C 32 11.50 29.88 1.94
C THR C 32 10.65 30.75 1.01
N GLY C 33 9.72 30.11 0.30
CA GLY C 33 8.86 30.82 -0.63
C GLY C 33 8.25 29.95 -1.70
N GLU C 34 7.58 30.59 -2.65
CA GLU C 34 6.80 29.88 -3.68
C GLU C 34 7.52 29.90 -5.04
N LYS C 35 8.66 30.58 -5.09
CA LYS C 35 9.39 30.76 -6.35
C LYS C 35 10.87 30.41 -6.17
N ILE C 36 11.11 29.34 -5.43
CA ILE C 36 12.48 28.85 -5.20
C ILE C 36 12.68 27.62 -6.09
N ALA C 37 13.92 27.38 -6.50
CA ALA C 37 14.18 26.24 -7.37
C ALA C 37 15.44 25.48 -6.96
N TYR C 38 15.36 24.16 -7.09
CA TYR C 38 16.55 23.34 -7.16
C TYR C 38 16.93 23.24 -8.63
N VAL C 39 18.20 23.47 -8.95
CA VAL C 39 18.67 23.32 -10.33
C VAL C 39 19.69 22.17 -10.36
N TYR C 40 19.47 21.22 -11.27
CA TYR C 40 20.38 20.08 -11.44
C TYR C 40 21.77 20.50 -11.96
N PRO C 41 22.76 19.58 -11.94
CA PRO C 41 24.11 19.97 -12.33
C PRO C 41 24.28 20.43 -13.78
N ASP C 42 23.28 20.20 -14.62
CA ASP C 42 23.34 20.67 -16.01
C ASP C 42 23.04 22.16 -16.16
N GLU C 43 22.67 22.79 -15.04
CA GLU C 43 22.31 24.22 -14.96
C GLU C 43 21.16 24.57 -15.89
N ARG C 44 20.28 23.60 -16.13
CA ARG C 44 19.14 23.77 -17.02
C ARG C 44 17.88 23.15 -16.44
N THR C 45 17.99 21.89 -16.01
CA THR C 45 16.86 21.15 -15.47
C THR C 45 16.60 21.59 -14.04
N ALA C 46 15.36 22.01 -13.77
CA ALA C 46 15.01 22.59 -12.47
C ALA C 46 13.71 22.05 -11.87
N LEU C 47 13.65 22.05 -10.54
CA LEU C 47 12.39 21.78 -9.84
C LEU C 47 12.01 23.07 -9.13
N TYR C 48 10.91 23.68 -9.58
CA TYR C 48 10.60 25.06 -9.23
C TYR C 48 9.28 25.10 -8.49
N GLY C 49 9.25 25.80 -7.36
CA GLY C 49 8.02 25.95 -6.59
C GLY C 49 8.22 26.25 -5.12
N LYS C 50 7.44 25.57 -4.28
CA LYS C 50 7.42 25.83 -2.85
C LYS C 50 8.51 25.11 -2.10
N PHE C 51 9.35 25.90 -1.43
CA PHE C 51 10.40 25.38 -0.57
C PHE C 51 10.27 26.03 0.80
N ILE C 52 10.64 25.29 1.84
CA ILE C 52 10.67 25.81 3.21
C ILE C 52 12.04 25.51 3.82
N ASP C 53 12.78 26.57 4.12
CA ASP C 53 14.16 26.51 4.63
C ASP C 53 15.01 25.54 3.80
N GLY C 54 14.92 25.70 2.48
CA GLY C 54 15.71 24.92 1.52
C GLY C 54 15.20 23.52 1.23
N GLU C 55 14.07 23.15 1.84
CA GLU C 55 13.47 21.83 1.65
C GLU C 55 12.34 21.90 0.64
N MET C 56 12.38 21.03 -0.37
CA MET C 56 11.38 21.02 -1.42
C MET C 56 10.04 20.51 -0.93
N ILE C 57 9.05 21.39 -0.90
CA ILE C 57 7.69 20.99 -0.53
C ILE C 57 6.86 20.63 -1.77
N GLU C 58 6.91 21.49 -2.79
CA GLU C 58 6.23 21.22 -4.05
C GLU C 58 7.05 21.81 -5.19
N GLY C 59 7.89 20.97 -5.81
CA GLY C 59 8.70 21.38 -6.94
C GLY C 59 8.13 20.84 -8.24
N LYS C 60 7.98 21.72 -9.23
CA LYS C 60 7.46 21.34 -10.54
C LYS C 60 8.59 21.42 -11.55
N LEU C 61 8.57 20.53 -12.53
CA LEU C 61 9.62 20.50 -13.53
C LEU C 61 9.63 21.78 -14.37
N ALA C 62 10.82 22.35 -14.50
CA ALA C 62 11.02 23.58 -15.24
C ALA C 62 12.36 23.56 -15.97
N THR C 63 12.56 24.50 -16.88
CA THR C 63 13.85 24.70 -17.53
C THR C 63 14.35 26.09 -17.19
N LEU C 64 15.61 26.19 -16.77
CA LEU C 64 16.23 27.50 -16.59
C LEU C 64 16.62 28.03 -17.96
N MET C 65 15.93 29.09 -18.39
CA MET C 65 16.08 29.62 -19.74
C MET C 65 17.21 30.64 -19.83
N SER C 66 17.31 31.48 -18.81
CA SER C 66 18.27 32.58 -18.81
C SER C 66 18.42 33.15 -17.40
N THR C 67 19.45 33.97 -17.24
CA THR C 67 19.68 34.69 -16.00
C THR C 67 20.11 36.12 -16.35
N GLU C 68 19.57 37.10 -15.62
CA GLU C 68 19.91 38.51 -15.82
C GLU C 68 20.21 39.13 -14.47
N GLU C 69 21.45 39.62 -14.31
CA GLU C 69 21.93 40.16 -13.03
C GLU C 69 21.60 39.24 -11.84
N GLY C 70 21.83 37.95 -12.01
CA GLY C 70 21.61 36.97 -10.95
C GLY C 70 20.20 36.43 -10.81
N ARG C 71 19.25 37.01 -11.54
CA ARG C 71 17.84 36.63 -11.45
C ARG C 71 17.51 35.58 -12.52
N PRO C 72 17.12 34.36 -12.11
CA PRO C 72 16.82 33.30 -13.08
C PRO C 72 15.45 33.48 -13.75
N HIS C 73 15.32 33.03 -14.99
CA HIS C 73 14.00 32.93 -15.63
C HIS C 73 13.70 31.47 -15.96
N PHE C 74 12.61 30.95 -15.40
CA PHE C 74 12.23 29.55 -15.59
C PHE C 74 11.03 29.41 -16.52
N GLU C 75 10.98 28.30 -17.25
CA GLU C 75 9.82 27.92 -18.03
C GLU C 75 9.32 26.58 -17.50
N LEU C 76 8.05 26.52 -17.07
CA LEU C 76 7.49 25.29 -16.52
C LEU C 76 7.23 24.28 -17.62
N MET C 77 7.33 23.00 -17.25
CA MET C 77 7.02 21.90 -18.14
C MET C 77 5.75 21.21 -17.64
N PRO C 78 4.57 21.69 -18.09
CA PRO C 78 3.27 21.31 -17.52
C PRO C 78 2.87 19.85 -17.77
N GLY C 79 2.11 19.30 -16.83
CA GLY C 79 1.52 17.97 -16.99
C GLY C 79 2.32 16.88 -16.30
N ASN C 80 3.53 17.23 -15.87
CA ASN C 80 4.38 16.28 -15.15
C ASN C 80 3.96 16.16 -13.68
N SER C 81 4.54 15.20 -12.99
CA SER C 81 4.25 14.99 -11.56
C SER C 81 4.90 16.09 -10.72
N VAL C 82 4.44 16.25 -9.49
CA VAL C 82 5.12 17.16 -8.57
C VAL C 82 6.09 16.35 -7.72
N TYR C 83 7.19 16.99 -7.34
CA TYR C 83 8.23 16.36 -6.54
C TYR C 83 8.29 17.01 -5.18
N HIS C 84 8.63 16.22 -4.17
CA HIS C 84 8.88 16.78 -2.85
C HIS C 84 9.99 16.00 -2.16
N PHE C 85 10.55 16.62 -1.13
CA PHE C 85 11.55 15.96 -0.30
C PHE C 85 10.94 14.70 0.31
N ASP C 86 11.59 13.57 0.04
CA ASP C 86 11.07 12.26 0.39
C ASP C 86 12.21 11.30 0.76
N LYS C 87 12.95 11.64 1.82
CA LYS C 87 14.09 10.83 2.25
C LYS C 87 13.66 9.41 2.63
N SER C 88 14.43 8.42 2.20
CA SER C 88 14.16 7.03 2.54
C SER C 88 14.38 6.79 4.03
N THR C 89 13.79 5.72 4.54
CA THR C 89 14.03 5.26 5.90
C THR C 89 14.68 3.88 5.81
N SER C 90 14.77 3.17 6.93
CA SER C 90 15.32 1.81 6.90
C SER C 90 14.37 0.81 6.23
N SER C 91 13.08 1.16 6.17
CA SER C 91 12.05 0.24 5.66
C SER C 91 11.26 0.80 4.48
N CYS C 92 11.36 2.10 4.22
CA CYS C 92 10.63 2.74 3.11
C CYS C 92 11.60 3.38 2.13
N ILE C 93 11.62 2.86 0.91
CA ILE C 93 12.55 3.34 -0.11
C ILE C 93 12.09 4.67 -0.71
N SER C 94 10.78 4.87 -0.78
CA SER C 94 10.15 6.01 -1.45
C SER C 94 8.64 5.96 -1.21
N THR C 95 8.00 7.12 -1.15
CA THR C 95 6.53 7.16 -1.12
C THR C 95 5.91 7.28 -2.52
N ASN C 96 6.77 7.36 -3.53
CA ASN C 96 6.35 7.32 -4.93
C ASN C 96 7.41 6.57 -5.75
N ALA C 97 7.46 5.25 -5.56
CA ALA C 97 8.53 4.43 -6.12
C ALA C 97 8.59 4.46 -7.65
N LEU C 98 7.43 4.66 -8.27
CA LEU C 98 7.32 4.59 -9.73
C LEU C 98 7.46 5.92 -10.46
N LEU C 99 7.74 6.99 -9.72
CA LEU C 99 8.01 8.30 -10.32
C LEU C 99 9.50 8.45 -10.61
N PRO C 100 9.88 8.46 -11.89
CA PRO C 100 11.32 8.53 -12.17
C PRO C 100 11.89 9.94 -11.91
N ASP C 101 13.21 10.04 -11.94
CA ASP C 101 13.84 11.35 -11.80
C ASP C 101 14.02 11.93 -13.18
N PRO C 102 13.64 13.21 -13.38
CA PRO C 102 13.62 13.78 -14.73
C PRO C 102 15.00 14.01 -15.36
N TYR C 103 15.98 14.40 -14.55
CA TYR C 103 17.35 14.58 -15.00
C TYR C 103 17.96 13.22 -15.39
N GLU C 104 17.77 12.22 -14.54
CA GLU C 104 18.24 10.86 -14.81
C GLU C 104 17.60 10.30 -16.08
N SER C 105 16.31 10.58 -16.28
CA SER C 105 15.55 10.04 -17.41
C SER C 105 16.08 10.51 -18.76
N GLU C 106 16.60 11.73 -18.81
CA GLU C 106 17.21 12.26 -20.01
C GLU C 106 18.53 11.59 -20.37
N ARG C 107 19.21 11.03 -19.37
CA ARG C 107 20.60 10.64 -19.52
C ARG C 107 20.90 9.15 -19.58
N VAL C 108 20.02 8.34 -19.00
CA VAL C 108 20.24 6.90 -18.90
C VAL C 108 18.99 6.09 -19.12
N TYR C 109 19.20 4.81 -19.47
CA TYR C 109 18.12 3.83 -19.57
C TYR C 109 18.64 2.47 -19.14
N VAL C 110 17.70 1.61 -18.74
CA VAL C 110 18.00 0.25 -18.33
C VAL C 110 17.68 -0.72 -19.46
N ALA C 111 18.61 -1.63 -19.73
CA ALA C 111 18.42 -2.68 -20.72
C ALA C 111 19.25 -3.90 -20.31
N GLU C 112 19.19 -4.99 -21.08
CA GLU C 112 20.06 -6.13 -20.79
CA GLU C 112 20.07 -6.14 -20.81
C GLU C 112 21.52 -5.68 -20.90
N SER C 113 22.33 -6.09 -19.93
CA SER C 113 23.75 -5.73 -19.93
C SER C 113 24.46 -6.35 -21.13
N LEU C 114 25.49 -5.67 -21.61
CA LEU C 114 26.39 -6.22 -22.63
C LEU C 114 27.27 -7.31 -22.06
N ILE C 115 27.38 -7.35 -20.73
CA ILE C 115 28.10 -8.40 -20.03
C ILE C 115 27.20 -9.62 -19.93
N SER C 116 27.71 -10.77 -20.40
CA SER C 116 26.96 -12.02 -20.33
CA SER C 116 26.97 -12.03 -20.33
C SER C 116 26.65 -12.45 -18.89
N SER C 117 25.43 -12.94 -18.68
CA SER C 117 24.96 -13.43 -17.37
C SER C 117 25.09 -12.41 -16.24
N ALA C 118 24.94 -11.14 -16.58
CA ALA C 118 25.03 -10.06 -15.60
C ALA C 118 23.70 -9.32 -15.43
N GLY C 119 22.61 -9.93 -15.88
CA GLY C 119 21.28 -9.33 -15.80
C GLY C 119 21.17 -8.04 -16.61
N GLU C 120 20.53 -7.05 -16.00
CA GLU C 120 20.36 -5.74 -16.61
C GLU C 120 21.54 -4.83 -16.34
N GLY C 121 21.73 -3.85 -17.22
CA GLY C 121 22.75 -2.84 -17.06
C GLY C 121 22.17 -1.46 -17.23
N LEU C 122 23.01 -0.47 -17.01
CA LEU C 122 22.63 0.93 -17.20
C LEU C 122 23.38 1.49 -18.39
N PHE C 123 22.68 2.23 -19.24
CA PHE C 123 23.26 2.72 -20.49
C PHE C 123 23.08 4.21 -20.66
N SER C 124 24.01 4.84 -21.38
CA SER C 124 23.91 6.27 -21.63
C SER C 124 22.93 6.54 -22.78
N LYS C 125 22.01 7.46 -22.56
CA LYS C 125 21.03 7.83 -23.57
C LYS C 125 21.63 8.83 -24.55
N VAL C 126 22.56 9.64 -24.07
CA VAL C 126 23.16 10.73 -24.86
C VAL C 126 24.67 10.78 -24.66
N ALA C 127 25.37 11.54 -25.52
CA ALA C 127 26.80 11.73 -25.39
C ALA C 127 27.10 12.83 -24.36
N VAL C 128 28.02 12.54 -23.44
CA VAL C 128 28.39 13.48 -22.37
C VAL C 128 29.90 13.57 -22.22
N GLY C 129 30.36 14.66 -21.61
CA GLY C 129 31.77 14.83 -21.29
C GLY C 129 32.16 14.14 -20.00
N PRO C 130 33.45 14.23 -19.62
CA PRO C 130 33.92 13.71 -18.35
C PRO C 130 33.26 14.44 -17.17
N ASN C 131 33.19 13.76 -16.04
CA ASN C 131 32.71 14.33 -14.78
C ASN C 131 31.23 14.74 -14.82
N THR C 132 30.43 14.00 -15.59
CA THR C 132 29.01 14.29 -15.71
C THR C 132 28.19 13.36 -14.82
N VAL C 133 27.34 13.94 -13.99
CA VAL C 133 26.39 13.16 -13.18
C VAL C 133 25.35 12.53 -14.11
N MET C 134 25.22 11.21 -14.05
CA MET C 134 24.32 10.48 -14.95
C MET C 134 23.11 9.88 -14.26
N SER C 135 23.28 9.47 -13.01
CA SER C 135 22.27 8.65 -12.37
C SER C 135 22.40 8.77 -10.86
N PHE C 136 21.32 8.45 -10.14
CA PHE C 136 21.32 8.56 -8.69
C PHE C 136 21.20 7.20 -8.05
N TYR C 137 21.89 7.03 -6.93
CA TYR C 137 21.82 5.80 -6.17
C TYR C 137 21.10 6.09 -4.85
N ASN C 138 19.76 5.94 -4.90
CA ASN C 138 18.93 6.03 -3.71
C ASN C 138 18.55 4.63 -3.28
N GLY C 139 18.10 4.51 -2.04
CA GLY C 139 17.66 3.23 -1.50
C GLY C 139 17.37 3.39 -0.03
N VAL C 140 16.97 2.31 0.61
CA VAL C 140 16.73 2.31 2.06
C VAL C 140 18.05 2.51 2.81
N ARG C 141 17.96 3.07 4.00
CA ARG C 141 19.14 3.38 4.81
C ARG C 141 19.30 2.39 5.95
N ILE C 142 20.32 1.56 5.87
CA ILE C 142 20.57 0.55 6.90
C ILE C 142 22.00 0.67 7.43
N THR C 143 22.33 -0.06 8.50
CA THR C 143 23.68 0.02 9.06
C THR C 143 24.64 -0.95 8.37
N HIS C 144 25.93 -0.63 8.45
CA HIS C 144 26.98 -1.56 8.05
C HIS C 144 26.89 -2.88 8.81
N GLN C 145 26.62 -2.79 10.12
CA GLN C 145 26.49 -3.97 10.97
C GLN C 145 25.41 -4.92 10.45
N GLU C 146 24.27 -4.34 10.08
CA GLU C 146 23.14 -5.07 9.49
C GLU C 146 23.57 -5.85 8.25
N VAL C 147 24.31 -5.18 7.37
CA VAL C 147 24.82 -5.77 6.13
C VAL C 147 25.85 -6.86 6.40
N ASP C 148 26.73 -6.60 7.36
CA ASP C 148 27.83 -7.52 7.69
C ASP C 148 27.33 -8.80 8.35
N SER C 149 26.26 -8.68 9.15
CA SER C 149 25.70 -9.80 9.92
C SER C 149 24.93 -10.77 9.05
N ARG C 150 24.05 -10.23 8.21
CA ARG C 150 23.16 -11.02 7.37
C ARG C 150 23.91 -11.73 6.24
N ASP C 151 23.23 -12.69 5.62
CA ASP C 151 23.79 -13.49 4.54
C ASP C 151 24.19 -12.63 3.35
N TRP C 152 25.30 -13.00 2.72
CA TRP C 152 25.86 -12.23 1.61
C TRP C 152 25.04 -12.25 0.32
N ALA C 153 24.05 -13.15 0.24
CA ALA C 153 23.16 -13.24 -0.93
C ALA C 153 22.24 -12.03 -1.05
N LEU C 154 22.10 -11.32 0.07
CA LEU C 154 21.20 -10.17 0.19
C LEU C 154 21.93 -8.84 -0.06
N ASN C 155 23.20 -8.92 -0.43
CA ASN C 155 24.07 -7.74 -0.47
C ASN C 155 24.57 -7.34 -1.86
N GLY C 156 23.77 -7.64 -2.88
CA GLY C 156 24.11 -7.26 -4.24
C GLY C 156 24.02 -5.76 -4.46
N ASN C 157 23.05 -5.12 -3.81
CA ASN C 157 22.77 -3.70 -4.03
C ASN C 157 23.14 -2.78 -2.84
N THR C 158 23.95 -3.30 -1.92
CA THR C 158 24.35 -2.52 -0.76
C THR C 158 25.56 -1.61 -1.06
N LEU C 159 25.31 -0.30 -1.14
CA LEU C 159 26.34 0.70 -1.39
C LEU C 159 26.60 1.51 -0.13
N SER C 160 27.86 1.60 0.27
CA SER C 160 28.21 2.37 1.45
C SER C 160 28.00 3.85 1.18
N LEU C 161 27.27 4.53 2.07
CA LEU C 161 27.09 5.98 1.98
C LEU C 161 28.19 6.71 2.75
N ASP C 162 28.39 6.28 4.00
CA ASP C 162 29.44 6.78 4.88
C ASP C 162 29.77 5.68 5.89
N GLU C 163 30.49 6.02 6.96
CA GLU C 163 30.93 5.01 7.94
C GLU C 163 29.78 4.37 8.71
N GLU C 164 28.66 5.10 8.85
CA GLU C 164 27.52 4.59 9.60
C GLU C 164 26.38 4.02 8.76
N THR C 165 26.34 4.38 7.47
CA THR C 165 25.14 4.13 6.67
C THR C 165 25.42 3.42 5.34
N VAL C 166 24.59 2.43 5.05
CA VAL C 166 24.58 1.75 3.76
C VAL C 166 23.24 2.05 3.08
N ILE C 167 23.31 2.28 1.77
CA ILE C 167 22.13 2.45 0.92
CA ILE C 167 22.12 2.45 0.94
C ILE C 167 21.85 1.13 0.21
N ASP C 168 20.63 0.61 0.36
CA ASP C 168 20.27 -0.67 -0.26
C ASP C 168 19.05 -0.56 -1.16
N VAL C 169 19.04 -1.36 -2.22
CA VAL C 169 17.84 -1.53 -3.02
C VAL C 169 17.45 -3.01 -2.93
N PRO C 170 16.72 -3.39 -1.86
CA PRO C 170 16.38 -4.79 -1.65
C PRO C 170 15.23 -5.26 -2.54
N GLU C 171 15.10 -6.58 -2.69
CA GLU C 171 13.91 -7.17 -3.29
C GLU C 171 12.65 -6.64 -2.61
N PRO C 172 11.61 -6.29 -3.40
CA PRO C 172 11.46 -6.45 -4.85
C PRO C 172 11.80 -5.17 -5.63
N TYR C 173 12.39 -4.19 -4.95
CA TYR C 173 12.66 -2.88 -5.54
C TYR C 173 13.81 -2.89 -6.55
N ASN C 174 14.47 -4.04 -6.71
CA ASN C 174 15.54 -4.18 -7.68
C ASN C 174 15.01 -4.38 -9.10
N HIS C 175 13.68 -4.46 -9.23
CA HIS C 175 13.04 -4.56 -10.54
C HIS C 175 12.39 -3.22 -10.86
N VAL C 176 12.64 -2.74 -12.09
CA VAL C 176 12.20 -1.42 -12.53
CA VAL C 176 12.19 -1.40 -12.51
C VAL C 176 10.66 -1.26 -12.50
N SER C 177 9.94 -2.36 -12.67
CA SER C 177 8.47 -2.34 -12.59
C SER C 177 7.96 -2.00 -11.18
N LYS C 178 8.84 -2.10 -10.19
CA LYS C 178 8.48 -1.90 -8.79
C LYS C 178 9.14 -0.65 -8.24
N TYR C 179 10.27 -0.28 -8.81
CA TYR C 179 10.98 0.94 -8.38
C TYR C 179 11.81 1.51 -9.52
N CYS C 180 11.53 2.76 -9.88
CA CYS C 180 12.33 3.42 -10.91
C CYS C 180 12.62 4.87 -10.56
N ALA C 181 12.45 5.24 -9.29
CA ALA C 181 12.71 6.62 -8.86
C ALA C 181 14.16 7.03 -9.05
N SER C 182 15.05 6.05 -8.91
CA SER C 182 16.48 6.22 -9.19
C SER C 182 16.94 4.91 -9.82
N LEU C 183 18.03 4.97 -10.59
CA LEU C 183 18.48 3.81 -11.37
C LEU C 183 19.96 3.45 -11.18
N GLY C 184 20.62 4.09 -10.21
CA GLY C 184 22.06 3.89 -9.97
C GLY C 184 22.42 2.45 -9.69
N HIS C 185 21.50 1.73 -9.07
CA HIS C 185 21.67 0.31 -8.73
C HIS C 185 21.65 -0.62 -9.96
N LYS C 186 21.44 -0.07 -11.14
CA LYS C 186 21.46 -0.88 -12.36
C LYS C 186 22.81 -0.92 -13.07
N ALA C 187 23.73 -0.06 -12.66
CA ALA C 187 25.09 -0.06 -13.22
C ALA C 187 25.91 -1.26 -12.76
N ASN C 188 26.44 -2.00 -13.73
CA ASN C 188 27.26 -3.17 -13.46
C ASN C 188 28.71 -2.83 -13.20
N HIS C 189 29.40 -3.82 -12.67
CA HIS C 189 30.81 -3.74 -12.39
C HIS C 189 31.69 -3.90 -13.63
N SER C 190 32.74 -3.08 -13.71
CA SER C 190 33.84 -3.31 -14.64
C SER C 190 35.17 -2.93 -14.01
N PHE C 191 36.22 -3.66 -14.40
CA PHE C 191 37.60 -3.34 -14.00
C PHE C 191 38.20 -2.25 -14.90
N THR C 192 37.51 -1.93 -15.99
CA THR C 192 37.83 -0.76 -16.80
C THR C 192 36.58 0.12 -16.85
N PRO C 193 36.20 0.69 -15.70
CA PRO C 193 34.94 1.45 -15.65
C PRO C 193 34.98 2.79 -16.40
N ASN C 194 33.81 3.32 -16.73
CA ASN C 194 33.76 4.66 -17.31
C ASN C 194 33.08 5.65 -16.37
N CYS C 195 32.71 5.16 -15.19
CA CYS C 195 32.05 5.97 -14.16
C CYS C 195 32.57 5.66 -12.76
N ILE C 196 32.27 6.57 -11.83
N ILE C 196 32.21 6.53 -11.82
CA ILE C 196 32.51 6.40 -10.41
CA ILE C 196 32.57 6.41 -10.41
C ILE C 196 31.24 6.68 -9.62
C ILE C 196 31.37 6.84 -9.55
N TYR C 197 31.22 6.23 -8.37
CA TYR C 197 30.20 6.68 -7.42
C TYR C 197 30.73 7.93 -6.73
N ASP C 198 29.89 8.93 -6.59
CA ASP C 198 30.29 10.19 -5.95
C ASP C 198 29.16 10.64 -5.02
N MET C 199 29.46 11.55 -4.10
CA MET C 199 28.43 12.05 -3.19
C MET C 199 27.45 12.94 -3.93
N PHE C 200 26.20 12.95 -3.49
CA PHE C 200 25.20 13.83 -4.11
C PHE C 200 24.15 14.26 -3.11
N VAL C 201 23.80 15.54 -3.14
CA VAL C 201 22.69 16.06 -2.32
C VAL C 201 21.49 16.31 -3.22
N HIS C 202 20.49 15.44 -3.08
CA HIS C 202 19.33 15.42 -3.96
C HIS C 202 18.13 16.07 -3.28
N PRO C 203 17.39 16.93 -4.01
CA PRO C 203 16.24 17.62 -3.43
C PRO C 203 15.09 16.70 -3.02
N ARG C 204 14.99 15.54 -3.67
CA ARG C 204 13.99 14.54 -3.31
C ARG C 204 14.56 13.50 -2.35
N PHE C 205 15.73 12.96 -2.67
CA PHE C 205 16.26 11.80 -1.93
C PHE C 205 17.12 12.17 -0.73
N GLY C 206 17.57 13.41 -0.67
CA GLY C 206 18.48 13.85 0.39
C GLY C 206 19.91 13.44 0.06
N PRO C 207 20.77 13.27 1.10
CA PRO C 207 22.16 12.90 0.83
C PRO C 207 22.27 11.44 0.42
N ILE C 208 22.76 11.22 -0.79
CA ILE C 208 22.87 9.89 -1.38
C ILE C 208 24.19 9.83 -2.15
N LYS C 209 24.31 8.86 -3.07
CA LYS C 209 25.43 8.84 -3.99
C LYS C 209 24.90 8.94 -5.41
N CYS C 210 25.76 9.34 -6.34
CA CYS C 210 25.37 9.40 -7.74
C CYS C 210 26.39 8.62 -8.57
N ILE C 211 26.10 8.46 -9.85
CA ILE C 211 27.02 7.90 -10.84
CA ILE C 211 27.05 7.90 -10.81
C ILE C 211 27.56 9.04 -11.69
N ARG C 212 28.88 9.22 -11.71
CA ARG C 212 29.50 10.31 -12.46
C ARG C 212 30.50 9.76 -13.45
N THR C 213 30.48 10.25 -14.69
CA THR C 213 31.42 9.74 -15.69
C THR C 213 32.86 10.09 -15.35
N LEU C 214 33.76 9.18 -15.70
CA LEU C 214 35.21 9.38 -15.55
C LEU C 214 35.84 9.97 -16.83
N ARG C 215 35.13 9.80 -17.94
CA ARG C 215 35.62 10.20 -19.25
C ARG C 215 34.43 10.61 -20.11
N ALA C 216 34.70 11.17 -21.29
CA ALA C 216 33.66 11.35 -22.29
C ALA C 216 33.02 10.00 -22.57
N VAL C 217 31.70 9.97 -22.58
CA VAL C 217 30.94 8.76 -22.88
C VAL C 217 30.02 9.05 -24.06
N GLU C 218 29.94 8.14 -25.02
CA GLU C 218 29.06 8.31 -26.17
C GLU C 218 27.69 7.67 -25.91
N ALA C 219 26.70 8.02 -26.74
CA ALA C 219 25.36 7.47 -26.58
C ALA C 219 25.34 5.94 -26.72
N ASP C 220 24.55 5.28 -25.89
CA ASP C 220 24.33 3.82 -25.93
C ASP C 220 25.47 2.95 -25.41
N GLU C 221 26.52 3.59 -24.87
CA GLU C 221 27.55 2.87 -24.11
C GLU C 221 26.94 2.35 -22.83
N GLU C 222 27.38 1.18 -22.38
CA GLU C 222 27.03 0.74 -21.03
C GLU C 222 27.84 1.55 -20.02
N LEU C 223 27.18 1.96 -18.94
CA LEU C 223 27.82 2.67 -17.84
C LEU C 223 28.23 1.67 -16.78
N THR C 224 29.51 1.70 -16.41
CA THR C 224 30.07 0.73 -15.50
C THR C 224 30.88 1.43 -14.41
N VAL C 225 30.92 0.79 -13.24
CA VAL C 225 31.71 1.29 -12.11
CA VAL C 225 31.69 1.27 -12.11
C VAL C 225 32.53 0.13 -11.54
N ALA C 226 33.70 0.45 -10.99
CA ALA C 226 34.49 -0.57 -10.31
C ALA C 226 33.94 -0.73 -8.90
N TYR C 227 33.36 -1.89 -8.60
CA TYR C 227 32.79 -2.13 -7.28
C TYR C 227 33.89 -2.21 -6.23
N GLY C 228 33.51 -1.96 -4.98
CA GLY C 228 34.47 -1.96 -3.88
C GLY C 228 34.40 -3.19 -2.98
N TYR C 229 35.30 -4.15 -3.22
CA TYR C 229 35.36 -5.36 -2.41
C TYR C 229 36.67 -5.54 -1.62
N ASP C 230 37.51 -4.51 -1.62
CA ASP C 230 38.79 -4.54 -0.89
C ASP C 230 38.58 -4.33 0.61
N GLU C 240 35.31 -13.04 0.88
CA GLU C 240 35.53 -11.60 0.83
C GLU C 240 34.90 -10.93 -0.42
N ALA C 241 34.56 -11.74 -1.43
CA ALA C 241 33.88 -11.25 -2.64
C ALA C 241 32.96 -12.31 -3.22
N PRO C 242 31.81 -11.91 -3.81
CA PRO C 242 30.88 -12.89 -4.39
C PRO C 242 31.49 -13.65 -5.56
N GLU C 243 31.00 -14.86 -5.80
CA GLU C 243 31.54 -15.73 -6.84
C GLU C 243 31.63 -15.06 -8.22
N TRP C 244 30.57 -14.36 -8.63
CA TRP C 244 30.56 -13.71 -9.94
C TRP C 244 31.74 -12.74 -10.09
N TYR C 245 32.11 -12.09 -9.01
CA TYR C 245 33.20 -11.11 -9.01
C TYR C 245 34.55 -11.82 -9.08
N GLN C 246 34.68 -12.91 -8.32
CA GLN C 246 35.87 -13.77 -8.36
C GLN C 246 36.13 -14.26 -9.79
N VAL C 247 35.07 -14.75 -10.45
CA VAL C 247 35.17 -15.24 -11.81
C VAL C 247 35.55 -14.12 -12.77
N GLU C 248 34.88 -12.97 -12.63
CA GLU C 248 35.21 -11.84 -13.49
C GLU C 248 36.63 -11.34 -13.28
N LEU C 249 37.10 -11.30 -12.04
CA LEU C 249 38.49 -10.92 -11.77
C LEU C 249 39.47 -11.85 -12.49
N LYS C 250 39.24 -13.15 -12.39
CA LYS C 250 40.14 -14.10 -13.06
C LYS C 250 40.08 -13.98 -14.58
N ALA C 251 38.86 -13.80 -15.11
CA ALA C 251 38.69 -13.56 -16.54
C ALA C 251 39.43 -12.30 -16.99
N PHE C 252 39.28 -11.22 -16.22
CA PHE C 252 39.94 -9.96 -16.53
C PHE C 252 41.47 -10.11 -16.48
N GLN C 253 41.97 -10.72 -15.41
CA GLN C 253 43.41 -10.94 -15.26
C GLN C 253 43.99 -11.81 -16.37
N ALA C 254 43.26 -12.86 -16.73
CA ALA C 254 43.71 -13.76 -17.83
C ALA C 254 43.75 -13.05 -19.18
N THR C 255 42.89 -12.05 -19.34
CA THR C 255 42.77 -11.30 -20.59
C THR C 255 43.92 -10.31 -20.78
N GLN C 256 44.51 -9.82 -19.70
CA GLN C 256 45.52 -8.76 -19.79
C GLN C 256 46.78 -9.22 -20.52
N GLN C 257 47.25 -8.37 -21.43
CA GLN C 257 48.52 -8.62 -22.11
C GLN C 257 49.65 -8.15 -21.22
N LYS C 258 50.75 -8.88 -21.26
CA LYS C 258 51.88 -8.58 -20.40
C LYS C 258 53.15 -8.45 -21.19
N HIS C 259 54.12 -7.76 -20.60
CA HIS C 259 55.47 -7.75 -21.14
C HIS C 259 56.02 -9.16 -21.00
N HIS C 260 56.52 -9.69 -22.11
CA HIS C 260 57.15 -11.00 -22.13
C HIS C 260 58.67 -10.84 -22.05
N HIS C 261 59.27 -11.49 -21.06
CA HIS C 261 60.71 -11.42 -20.85
C HIS C 261 61.44 -12.29 -21.88
N HIS C 262 62.39 -11.66 -22.58
CA HIS C 262 63.18 -12.25 -23.67
C HIS C 262 62.46 -13.35 -24.46
N HIS D 8 12.14 -63.52 5.86
CA HIS D 8 12.84 -64.02 4.65
C HIS D 8 12.15 -63.52 3.38
N GLY D 9 10.96 -62.92 3.56
CA GLY D 9 10.21 -62.35 2.46
C GLY D 9 10.65 -60.92 2.14
N VAL D 10 10.78 -60.60 0.86
CA VAL D 10 11.02 -59.23 0.43
C VAL D 10 9.68 -58.51 0.34
N CYS D 11 9.59 -57.34 0.95
N CYS D 11 9.59 -57.34 0.96
CA CYS D 11 8.38 -56.53 0.96
CA CYS D 11 8.36 -56.56 0.93
C CYS D 11 8.58 -55.26 0.15
C CYS D 11 8.57 -55.25 0.16
N TRP D 12 7.55 -54.85 -0.59
CA TRP D 12 7.53 -53.57 -1.28
C TRP D 12 6.33 -52.82 -0.72
N ILE D 13 6.54 -51.59 -0.26
CA ILE D 13 5.44 -50.77 0.23
C ILE D 13 5.39 -49.50 -0.62
N TYR D 14 4.32 -49.33 -1.38
CA TYR D 14 4.19 -48.14 -2.22
C TYR D 14 3.39 -47.06 -1.54
N TYR D 15 3.86 -45.82 -1.66
CA TYR D 15 3.12 -44.66 -1.21
C TYR D 15 2.19 -44.21 -2.32
N PRO D 16 1.11 -43.48 -1.96
CA PRO D 16 0.21 -42.92 -2.98
C PRO D 16 0.95 -42.07 -4.02
N ASP D 17 2.05 -41.43 -3.61
CA ASP D 17 2.81 -40.55 -4.51
C ASP D 17 3.68 -41.30 -5.53
N GLY D 18 3.76 -42.62 -5.39
CA GLY D 18 4.52 -43.45 -6.34
C GLY D 18 5.87 -43.92 -5.83
N GLY D 19 6.38 -43.29 -4.77
CA GLY D 19 7.62 -43.75 -4.13
C GLY D 19 7.36 -45.04 -3.37
N SER D 20 8.42 -45.74 -2.97
CA SER D 20 8.25 -47.02 -2.27
C SER D 20 9.40 -47.35 -1.34
N LEU D 21 9.13 -48.22 -0.36
CA LEU D 21 10.20 -48.84 0.41
C LEU D 21 10.24 -50.30 0.01
N VAL D 22 11.45 -50.83 -0.14
CA VAL D 22 11.63 -52.24 -0.47
C VAL D 22 12.79 -52.86 0.29
N GLY D 23 12.56 -54.09 0.75
CA GLY D 23 13.60 -54.85 1.41
C GLY D 23 13.08 -56.06 2.12
N GLU D 24 14.00 -56.91 2.56
CA GLU D 24 13.69 -58.07 3.37
C GLU D 24 13.27 -57.59 4.74
N VAL D 25 12.17 -58.13 5.25
CA VAL D 25 11.71 -57.76 6.59
C VAL D 25 12.39 -58.61 7.67
N ASN D 26 12.42 -58.08 8.90
CA ASN D 26 13.01 -58.84 10.01
CA ASN D 26 12.93 -58.77 10.09
C ASN D 26 12.06 -59.91 10.56
N GLU D 27 12.52 -60.61 11.60
CA GLU D 27 11.72 -61.65 12.28
C GLU D 27 10.40 -61.10 12.82
N ASP D 28 10.36 -59.79 13.07
CA ASP D 28 9.15 -59.13 13.56
C ASP D 28 8.30 -58.51 12.45
N GLY D 29 8.76 -58.62 11.20
CA GLY D 29 8.05 -58.08 10.05
C GLY D 29 8.34 -56.62 9.74
N GLU D 30 9.33 -56.05 10.43
CA GLU D 30 9.73 -54.65 10.24
C GLU D 30 10.80 -54.53 9.16
N MET D 31 10.76 -53.41 8.43
CA MET D 31 11.76 -53.16 7.40
C MET D 31 13.02 -52.57 8.02
N THR D 32 13.80 -53.47 8.62
CA THR D 32 14.99 -53.12 9.38
C THR D 32 16.13 -53.99 8.89
N GLY D 33 17.23 -53.34 8.51
CA GLY D 33 18.40 -54.06 7.99
C GLY D 33 19.35 -53.13 7.26
N GLU D 34 20.40 -53.70 6.67
CA GLU D 34 21.45 -52.92 6.01
C GLU D 34 21.23 -52.87 4.50
N LYS D 35 20.22 -53.58 4.01
CA LYS D 35 19.95 -53.66 2.57
C LYS D 35 18.51 -53.30 2.22
N ILE D 36 18.02 -52.22 2.84
CA ILE D 36 16.67 -51.70 2.60
C ILE D 36 16.81 -50.50 1.67
N ALA D 37 15.78 -50.19 0.90
CA ALA D 37 15.86 -49.02 0.04
C ALA D 37 14.57 -48.23 -0.05
N TYR D 38 14.70 -46.91 -0.16
CA TYR D 38 13.61 -46.08 -0.65
C TYR D 38 13.80 -45.90 -2.16
N VAL D 39 12.73 -46.15 -2.93
CA VAL D 39 12.80 -45.97 -4.38
C VAL D 39 11.89 -44.81 -4.78
N TYR D 40 12.46 -43.84 -5.50
CA TYR D 40 11.72 -42.66 -5.95
C TYR D 40 10.64 -43.03 -6.98
N PRO D 41 9.71 -42.09 -7.29
CA PRO D 41 8.59 -42.39 -8.20
C PRO D 41 8.97 -42.86 -9.61
N ASP D 42 10.21 -42.60 -10.03
CA ASP D 42 10.69 -43.08 -11.34
C ASP D 42 10.98 -44.59 -11.34
N GLU D 43 10.86 -45.21 -10.17
CA GLU D 43 11.08 -46.66 -9.99
C GLU D 43 12.50 -47.09 -10.41
N ARG D 44 13.44 -46.15 -10.33
CA ARG D 44 14.84 -46.38 -10.71
C ARG D 44 15.85 -45.76 -9.72
N THR D 45 15.61 -44.50 -9.35
CA THR D 45 16.51 -43.79 -8.45
C THR D 45 16.21 -44.24 -7.04
N ALA D 46 17.26 -44.59 -6.29
CA ALA D 46 17.04 -45.13 -4.95
C ALA D 46 18.05 -44.66 -3.92
N LEU D 47 17.63 -44.72 -2.66
CA LEU D 47 18.49 -44.52 -1.50
C LEU D 47 18.53 -45.82 -0.73
N TYR D 48 19.70 -46.47 -0.77
CA TYR D 48 19.86 -47.85 -0.36
C TYR D 48 20.81 -47.92 0.81
N GLY D 49 20.46 -48.71 1.81
CA GLY D 49 21.36 -48.93 2.94
C GLY D 49 20.63 -49.25 4.22
N LYS D 50 21.03 -48.61 5.30
CA LYS D 50 20.51 -48.94 6.63
C LYS D 50 19.20 -48.22 6.95
N PHE D 51 18.17 -49.01 7.22
CA PHE D 51 16.87 -48.51 7.63
C PHE D 51 16.45 -49.24 8.90
N ILE D 52 15.71 -48.56 9.77
CA ILE D 52 15.10 -49.18 10.94
C ILE D 52 13.60 -48.88 10.93
N ASP D 53 12.80 -49.94 10.97
CA ASP D 53 11.33 -49.83 10.85
C ASP D 53 10.93 -48.88 9.72
N GLY D 54 11.60 -49.03 8.58
CA GLY D 54 11.32 -48.25 7.38
C GLY D 54 11.77 -46.80 7.40
N GLU D 55 12.51 -46.43 8.44
CA GLU D 55 13.05 -45.07 8.55
C GLU D 55 14.52 -45.07 8.13
N MET D 56 14.91 -44.10 7.30
CA MET D 56 16.25 -44.09 6.70
C MET D 56 17.32 -43.58 7.65
N ILE D 57 18.27 -44.46 7.98
CA ILE D 57 19.36 -44.11 8.87
C ILE D 57 20.63 -43.75 8.09
N GLU D 58 20.96 -44.59 7.10
CA GLU D 58 22.05 -44.29 6.20
C GLU D 58 21.75 -44.82 4.81
N GLY D 59 21.20 -43.94 3.97
CA GLY D 59 20.92 -44.27 2.57
C GLY D 59 21.97 -43.71 1.65
N LYS D 60 22.42 -44.53 0.71
CA LYS D 60 23.36 -44.08 -0.32
C LYS D 60 22.70 -44.15 -1.69
N LEU D 61 23.07 -43.24 -2.59
CA LEU D 61 22.43 -43.17 -3.90
C LEU D 61 22.72 -44.46 -4.69
N ALA D 62 21.66 -45.02 -5.26
CA ALA D 62 21.76 -46.27 -6.01
C ALA D 62 20.77 -46.25 -7.17
N THR D 63 20.93 -47.21 -8.07
CA THR D 63 19.99 -47.42 -9.17
C THR D 63 19.37 -48.80 -9.03
N LEU D 64 18.04 -48.87 -9.15
CA LEU D 64 17.34 -50.15 -9.25
C LEU D 64 17.54 -50.68 -10.67
N MET D 65 18.37 -51.71 -10.78
CA MET D 65 18.80 -52.22 -12.08
C MET D 65 17.80 -53.19 -12.68
N SER D 66 17.26 -54.07 -11.83
CA SER D 66 16.37 -55.14 -12.24
C SER D 66 15.67 -55.72 -11.01
N THR D 67 14.67 -56.55 -11.26
CA THR D 67 13.99 -57.29 -10.21
C THR D 67 13.71 -58.70 -10.75
N GLU D 68 13.93 -59.69 -9.88
CA GLU D 68 13.66 -61.08 -10.21
C GLU D 68 12.79 -61.65 -9.09
N GLU D 69 11.56 -62.02 -9.44
CA GLU D 69 10.61 -62.60 -8.49
C GLU D 69 10.52 -61.78 -7.20
N GLY D 70 10.43 -60.46 -7.36
CA GLY D 70 10.23 -59.56 -6.23
C GLY D 70 11.51 -59.09 -5.57
N ARG D 71 12.64 -59.72 -5.91
CA ARG D 71 13.93 -59.40 -5.31
C ARG D 71 14.67 -58.34 -6.16
N PRO D 72 14.86 -57.14 -5.61
CA PRO D 72 15.50 -56.09 -6.39
C PRO D 72 17.02 -56.25 -6.45
N HIS D 73 17.61 -55.81 -7.57
CA HIS D 73 19.05 -55.71 -7.71
C HIS D 73 19.44 -54.23 -7.81
N PHE D 74 20.11 -53.73 -6.77
CA PHE D 74 20.59 -52.35 -6.74
C PHE D 74 22.07 -52.27 -7.06
N GLU D 75 22.47 -51.17 -7.68
CA GLU D 75 23.88 -50.87 -7.90
C GLU D 75 24.13 -49.49 -7.33
N LEU D 76 25.14 -49.37 -6.46
CA LEU D 76 25.48 -48.07 -5.87
C LEU D 76 26.03 -47.13 -6.93
N MET D 77 25.65 -45.86 -6.82
CA MET D 77 26.16 -44.81 -7.70
C MET D 77 27.49 -44.30 -7.15
N PRO D 78 28.28 -43.60 -7.99
CA PRO D 78 29.51 -42.95 -7.52
C PRO D 78 29.23 -41.87 -6.46
N GLY D 79 30.25 -41.52 -5.69
CA GLY D 79 30.11 -40.47 -4.69
C GLY D 79 30.11 -40.99 -3.27
N ASN D 80 30.20 -40.07 -2.31
CA ASN D 80 30.28 -40.44 -0.90
C ASN D 80 29.13 -39.87 -0.06
N SER D 81 28.15 -39.28 -0.72
CA SER D 81 27.01 -38.68 -0.01
C SER D 81 26.14 -39.74 0.65
N VAL D 82 25.80 -39.50 1.91
CA VAL D 82 24.85 -40.33 2.64
C VAL D 82 23.60 -39.51 2.95
N TYR D 83 22.48 -40.17 3.21
CA TYR D 83 21.24 -39.49 3.56
C TYR D 83 20.57 -40.14 4.77
N HIS D 84 19.95 -39.35 5.62
CA HIS D 84 19.15 -39.89 6.71
C HIS D 84 17.84 -39.14 6.93
N PHE D 85 16.91 -39.78 7.63
CA PHE D 85 15.64 -39.21 8.02
C PHE D 85 15.89 -37.95 8.85
N ASP D 86 15.49 -36.80 8.30
CA ASP D 86 15.89 -35.50 8.83
C ASP D 86 14.73 -34.51 8.76
N LYS D 87 13.62 -34.85 9.40
CA LYS D 87 12.43 -34.00 9.40
C LYS D 87 12.72 -32.63 10.00
N SER D 88 12.24 -31.57 9.36
CA SER D 88 12.42 -30.21 9.85
C SER D 88 11.66 -29.98 11.14
N THR D 89 12.07 -28.95 11.89
CA THR D 89 11.35 -28.50 13.07
C THR D 89 10.74 -27.12 12.81
N SER D 90 10.36 -26.40 13.87
CA SER D 90 9.88 -25.02 13.73
C SER D 90 11.03 -24.04 13.45
N SER D 91 12.23 -24.43 13.86
CA SER D 91 13.42 -23.58 13.75
C SER D 91 14.41 -24.08 12.70
N CYS D 92 14.63 -25.39 12.69
CA CYS D 92 15.66 -26.01 11.83
C CYS D 92 15.05 -26.59 10.56
N ILE D 93 15.52 -26.10 9.41
CA ILE D 93 15.04 -26.56 8.09
C ILE D 93 15.68 -27.89 7.69
N SER D 94 16.97 -28.04 8.03
CA SER D 94 17.78 -29.21 7.66
C SER D 94 19.07 -29.22 8.47
N THR D 95 19.56 -30.42 8.81
CA THR D 95 20.87 -30.54 9.47
C THR D 95 22.01 -30.53 8.44
N ASN D 96 21.65 -30.70 7.16
CA ASN D 96 22.58 -30.48 6.05
C ASN D 96 21.90 -29.75 4.89
N ALA D 97 21.79 -28.43 5.05
CA ALA D 97 21.05 -27.57 4.13
C ALA D 97 21.58 -27.56 2.69
N LEU D 98 22.85 -27.91 2.49
CA LEU D 98 23.46 -27.79 1.16
C LEU D 98 23.62 -29.10 0.39
N LEU D 99 23.09 -30.18 0.94
CA LEU D 99 23.09 -31.49 0.29
C LEU D 99 21.83 -31.64 -0.58
N PRO D 100 21.99 -31.58 -1.92
CA PRO D 100 20.83 -31.59 -2.81
C PRO D 100 20.12 -32.93 -2.85
N ASP D 101 18.85 -32.94 -3.26
CA ASP D 101 18.16 -34.19 -3.51
C ASP D 101 18.54 -34.71 -4.89
N PRO D 102 19.03 -35.96 -4.97
CA PRO D 102 19.52 -36.54 -6.23
C PRO D 102 18.46 -36.70 -7.31
N TYR D 103 17.23 -37.04 -6.93
CA TYR D 103 16.13 -37.20 -7.87
C TYR D 103 15.75 -35.84 -8.46
N GLU D 104 15.61 -34.86 -7.57
CA GLU D 104 15.29 -33.49 -7.94
C GLU D 104 16.36 -32.89 -8.86
N SER D 105 17.63 -33.15 -8.52
CA SER D 105 18.76 -32.55 -9.25
CA SER D 105 18.77 -32.57 -9.25
C SER D 105 18.79 -32.96 -10.72
N GLU D 106 18.22 -34.11 -11.05
CA GLU D 106 18.20 -34.59 -12.42
C GLU D 106 17.01 -34.12 -13.25
N ARG D 107 16.04 -33.51 -12.57
CA ARG D 107 14.78 -33.13 -13.23
CA ARG D 107 14.78 -33.12 -13.23
C ARG D 107 14.56 -31.62 -13.30
N VAL D 108 15.15 -30.87 -12.37
CA VAL D 108 14.95 -29.41 -12.35
C VAL D 108 16.23 -28.61 -12.12
N TYR D 109 16.22 -27.36 -12.60
CA TYR D 109 17.26 -26.40 -12.25
C TYR D 109 16.65 -25.03 -11.94
N VAL D 110 17.41 -24.21 -11.22
CA VAL D 110 16.99 -22.86 -10.87
C VAL D 110 17.67 -21.87 -11.82
N ALA D 111 16.86 -21.00 -12.42
CA ALA D 111 17.34 -19.97 -13.33
C ALA D 111 16.47 -18.72 -13.16
N GLU D 112 16.85 -17.62 -13.82
CA GLU D 112 16.03 -16.41 -13.80
C GLU D 112 14.70 -16.70 -14.47
N SER D 113 13.62 -16.31 -13.81
CA SER D 113 12.26 -16.53 -14.29
C SER D 113 12.05 -15.85 -15.65
N LEU D 114 11.24 -16.48 -16.51
CA LEU D 114 10.85 -15.90 -17.79
C LEU D 114 9.72 -14.89 -17.58
N ILE D 115 9.15 -14.90 -16.38
CA ILE D 115 8.14 -13.93 -15.98
C ILE D 115 8.86 -12.67 -15.51
N SER D 116 8.53 -11.54 -16.14
CA SER D 116 9.14 -10.25 -15.81
C SER D 116 8.98 -9.89 -14.32
N SER D 117 10.10 -9.52 -13.70
CA SER D 117 10.14 -9.06 -12.30
C SER D 117 9.80 -10.13 -11.25
N ALA D 118 9.80 -11.41 -11.66
CA ALA D 118 9.48 -12.52 -10.76
C ALA D 118 10.69 -13.07 -10.00
N GLY D 119 11.89 -12.68 -10.45
CA GLY D 119 13.13 -13.12 -9.83
C GLY D 119 13.59 -14.45 -10.40
N GLU D 120 13.92 -15.38 -9.51
CA GLU D 120 14.32 -16.73 -9.91
C GLU D 120 13.09 -17.62 -10.08
N GLY D 121 13.23 -18.61 -10.97
CA GLY D 121 12.18 -19.59 -11.21
C GLY D 121 12.74 -21.00 -11.26
N LEU D 122 11.83 -21.97 -11.33
CA LEU D 122 12.22 -23.38 -11.43
C LEU D 122 11.94 -23.87 -12.84
N PHE D 123 12.88 -24.63 -13.39
CA PHE D 123 12.83 -25.07 -14.78
C PHE D 123 13.03 -26.57 -14.91
N SER D 124 12.43 -27.14 -15.95
CA SER D 124 12.59 -28.56 -16.24
C SER D 124 13.92 -28.84 -16.93
N LYS D 125 14.68 -29.79 -16.38
CA LYS D 125 15.93 -30.24 -17.01
C LYS D 125 15.70 -31.09 -18.26
N VAL D 126 14.70 -31.96 -18.21
CA VAL D 126 14.39 -32.87 -19.32
C VAL D 126 12.90 -32.86 -19.65
N ALA D 127 12.55 -33.39 -20.82
CA ALA D 127 11.15 -33.64 -21.18
C ALA D 127 10.56 -34.69 -20.23
N VAL D 128 9.37 -34.41 -19.71
CA VAL D 128 8.65 -35.35 -18.84
C VAL D 128 7.18 -35.45 -19.27
N GLY D 129 6.53 -36.54 -18.89
CA GLY D 129 5.11 -36.71 -19.16
C GLY D 129 4.24 -36.06 -18.08
N PRO D 130 2.91 -36.17 -18.22
CA PRO D 130 1.99 -35.71 -17.19
C PRO D 130 2.15 -36.48 -15.88
N ASN D 131 1.75 -35.86 -14.78
CA ASN D 131 1.72 -36.50 -13.45
C ASN D 131 3.07 -36.91 -12.90
N THR D 132 4.12 -36.19 -13.33
CA THR D 132 5.49 -36.49 -12.94
C THR D 132 5.94 -35.64 -11.77
N VAL D 133 6.41 -36.29 -10.72
CA VAL D 133 7.01 -35.59 -9.58
C VAL D 133 8.35 -34.99 -10.00
N MET D 134 8.47 -33.67 -9.80
CA MET D 134 9.64 -32.92 -10.30
C MET D 134 10.52 -32.37 -9.20
N SER D 135 9.91 -31.95 -8.09
CA SER D 135 10.61 -31.19 -7.08
C SER D 135 9.90 -31.32 -5.75
N PHE D 136 10.63 -31.08 -4.68
CA PHE D 136 10.10 -31.21 -3.33
C PHE D 136 10.02 -29.88 -2.61
N TYR D 137 8.91 -29.68 -1.91
CA TYR D 137 8.73 -28.46 -1.13
C TYR D 137 8.93 -28.80 0.33
N ASN D 138 10.18 -28.73 0.78
CA ASN D 138 10.51 -28.83 2.20
C ASN D 138 10.71 -27.45 2.82
N GLY D 139 10.57 -27.36 4.13
CA GLY D 139 10.81 -26.12 4.85
C GLY D 139 10.53 -26.28 6.33
N VAL D 140 10.70 -25.20 7.10
CA VAL D 140 10.38 -25.23 8.53
C VAL D 140 8.89 -25.42 8.78
N ARG D 141 8.56 -26.09 9.88
CA ARG D 141 7.17 -26.40 10.22
C ARG D 141 6.60 -25.43 11.25
N ILE D 142 5.74 -24.53 10.78
CA ILE D 142 5.13 -23.50 11.62
C ILE D 142 3.61 -23.59 11.56
N THR D 143 2.93 -22.91 12.48
CA THR D 143 1.47 -22.94 12.55
C THR D 143 0.85 -21.92 11.59
N HIS D 144 -0.40 -22.15 11.21
CA HIS D 144 -1.16 -21.19 10.41
C HIS D 144 -1.34 -19.85 11.16
N GLN D 145 -1.55 -19.95 12.47
CA GLN D 145 -1.72 -18.77 13.34
C GLN D 145 -0.52 -17.82 13.28
N GLU D 146 0.69 -18.38 13.28
CA GLU D 146 1.92 -17.57 13.23
C GLU D 146 2.10 -16.87 11.89
N VAL D 147 1.61 -17.50 10.82
CA VAL D 147 1.71 -16.95 9.46
C VAL D 147 0.74 -15.78 9.27
N ASP D 148 -0.45 -15.92 9.83
CA ASP D 148 -1.50 -14.90 9.71
C ASP D 148 -1.30 -13.71 10.67
N SER D 149 -0.53 -13.93 11.74
CA SER D 149 -0.26 -12.90 12.74
C SER D 149 0.85 -11.91 12.33
N ARG D 150 1.70 -12.34 11.41
CA ARG D 150 2.78 -11.49 10.88
C ARG D 150 2.38 -10.91 9.52
N ASP D 151 3.22 -10.02 8.98
CA ASP D 151 2.93 -9.31 7.72
C ASP D 151 2.52 -10.25 6.59
N ALA D 153 5.00 -9.79 4.03
CA ALA D 153 6.33 -9.67 3.43
C ALA D 153 7.17 -10.90 3.73
N LEU D 154 6.94 -11.50 4.89
CA LEU D 154 7.61 -12.73 5.31
C LEU D 154 6.78 -13.97 4.94
N ASN D 155 5.73 -13.77 4.14
CA ASN D 155 4.82 -14.86 3.74
C ASN D 155 4.92 -15.24 2.27
N GLY D 156 6.08 -15.02 1.66
CA GLY D 156 6.29 -15.36 0.26
C GLY D 156 6.42 -16.85 -0.01
N ASN D 157 6.93 -17.58 0.98
CA ASN D 157 7.22 -19.02 0.84
C ASN D 157 6.42 -19.94 1.74
N THR D 158 5.38 -19.41 2.38
CA THR D 158 4.55 -20.21 3.28
C THR D 158 3.53 -21.03 2.50
N LEU D 159 3.83 -22.32 2.35
CA LEU D 159 2.91 -23.25 1.70
C LEU D 159 2.19 -24.09 2.75
N SER D 160 0.87 -24.12 2.68
CA SER D 160 0.06 -24.93 3.59
C SER D 160 0.30 -26.42 3.32
N LEU D 161 0.58 -27.17 4.38
CA LEU D 161 0.76 -28.62 4.29
C LEU D 161 -0.53 -29.36 4.67
N ASP D 162 -1.11 -28.99 5.82
CA ASP D 162 -2.40 -29.51 6.23
C ASP D 162 -3.17 -28.45 7.02
N GLU D 163 -4.35 -28.83 7.52
CA GLU D 163 -5.23 -27.93 8.27
C GLU D 163 -4.54 -27.22 9.46
N GLU D 164 -3.44 -27.78 9.96
CA GLU D 164 -2.75 -27.23 11.13
C GLU D 164 -1.29 -26.80 10.92
N THR D 165 -0.68 -27.20 9.81
CA THR D 165 0.76 -26.95 9.60
C THR D 165 1.07 -26.20 8.30
N VAL D 166 2.04 -25.31 8.38
CA VAL D 166 2.56 -24.56 7.24
C VAL D 166 4.04 -24.87 7.03
N ILE D 167 4.43 -25.07 5.78
CA ILE D 167 5.82 -25.28 5.39
C ILE D 167 6.39 -23.97 4.83
N ASP D 168 7.45 -23.47 5.45
CA ASP D 168 8.03 -22.19 5.06
C ASP D 168 9.52 -22.29 4.75
N VAL D 169 9.96 -21.48 3.79
CA VAL D 169 11.38 -21.30 3.51
C VAL D 169 11.75 -19.82 3.77
N PRO D 170 12.03 -19.49 5.05
CA PRO D 170 12.33 -18.10 5.40
C PRO D 170 13.73 -17.68 4.98
N GLU D 171 13.96 -16.37 4.91
CA GLU D 171 15.29 -15.81 4.65
C GLU D 171 16.23 -16.28 5.76
N PRO D 172 17.50 -16.62 5.40
CA PRO D 172 18.13 -16.54 4.08
C PRO D 172 18.02 -17.84 3.28
N TYR D 173 17.28 -18.82 3.79
CA TYR D 173 17.19 -20.14 3.15
C TYR D 173 16.47 -20.11 1.81
N ASN D 174 15.88 -18.96 1.47
CA ASN D 174 15.25 -18.75 0.17
C ASN D 174 16.27 -18.50 -0.96
N HIS D 175 17.55 -18.49 -0.62
CA HIS D 175 18.63 -18.41 -1.61
C HIS D 175 19.35 -19.74 -1.70
N VAL D 176 19.62 -20.18 -2.92
CA VAL D 176 20.24 -21.49 -3.20
C VAL D 176 21.62 -21.67 -2.57
N SER D 177 22.34 -20.56 -2.42
CA SER D 177 23.65 -20.55 -1.77
C SER D 177 23.60 -20.94 -0.29
N LYS D 178 22.42 -20.76 0.31
CA LYS D 178 22.20 -21.10 1.71
C LYS D 178 21.45 -22.42 1.86
N TYR D 179 20.51 -22.69 0.95
CA TYR D 179 19.69 -23.90 1.03
C TYR D 179 19.38 -24.45 -0.37
N CYS D 180 19.74 -25.70 -0.60
CA CYS D 180 19.45 -26.34 -1.87
C CYS D 180 19.04 -27.80 -1.71
N ALA D 181 18.70 -28.20 -0.48
CA ALA D 181 18.28 -29.57 -0.19
C ALA D 181 16.99 -29.94 -0.94
N SER D 182 16.15 -28.94 -1.17
CA SER D 182 14.94 -29.06 -2.00
C SER D 182 14.72 -27.73 -2.73
N LEU D 183 13.99 -27.75 -3.85
CA LEU D 183 13.86 -26.56 -4.69
C LEU D 183 12.42 -26.17 -5.05
N GLY D 184 11.44 -26.82 -4.42
CA GLY D 184 10.02 -26.56 -4.70
C GLY D 184 9.60 -25.12 -4.52
N HIS D 185 10.25 -24.44 -3.58
CA HIS D 185 9.97 -23.03 -3.28
C HIS D 185 10.45 -22.07 -4.37
N LYS D 186 11.08 -22.58 -5.43
CA LYS D 186 11.54 -21.74 -6.53
C LYS D 186 10.54 -21.62 -7.67
N ALA D 187 9.49 -22.42 -7.63
CA ALA D 187 8.44 -22.40 -8.65
C ALA D 187 7.53 -21.18 -8.49
N ASN D 188 7.36 -20.47 -9.60
CA ASN D 188 6.56 -19.24 -9.61
C ASN D 188 5.09 -19.48 -9.92
N HIS D 189 4.30 -18.42 -9.78
CA HIS D 189 2.86 -18.49 -10.03
C HIS D 189 2.50 -18.30 -11.50
N SER D 190 1.49 -19.05 -11.94
CA SER D 190 0.83 -18.78 -13.20
C SER D 190 -0.65 -19.13 -13.11
N PHE D 191 -1.48 -18.34 -13.78
CA PHE D 191 -2.91 -18.65 -13.91
C PHE D 191 -3.17 -19.74 -14.95
N THR D 192 -2.16 -20.03 -15.75
CA THR D 192 -2.18 -21.15 -16.69
C THR D 192 -0.99 -22.07 -16.39
N PRO D 193 -1.04 -22.73 -15.21
CA PRO D 193 0.14 -23.46 -14.75
C PRO D 193 0.35 -24.77 -15.49
N ASN D 194 1.54 -25.34 -15.34
CA ASN D 194 1.80 -26.69 -15.84
C ASN D 194 2.06 -27.71 -14.72
N CYS D 195 1.97 -27.25 -13.48
CA CYS D 195 2.20 -28.10 -12.31
C CYS D 195 1.20 -27.83 -11.18
N ILE D 196 1.10 -28.78 -10.26
CA ILE D 196 0.39 -28.61 -9.00
C ILE D 196 1.28 -28.99 -7.83
N TYR D 197 0.95 -28.48 -6.65
CA TYR D 197 1.48 -29.03 -5.40
C TYR D 197 0.70 -30.28 -5.07
N ASP D 198 1.39 -31.31 -4.59
CA ASP D 198 0.77 -32.58 -4.24
C ASP D 198 1.46 -33.13 -3.00
N MET D 199 0.76 -33.99 -2.26
CA MET D 199 1.36 -34.63 -1.07
C MET D 199 2.55 -35.48 -1.47
N PHE D 200 3.51 -35.62 -0.57
CA PHE D 200 4.66 -36.48 -0.80
C PHE D 200 5.26 -36.98 0.51
N VAL D 201 5.57 -38.27 0.55
CA VAL D 201 6.28 -38.85 1.69
C VAL D 201 7.73 -39.08 1.28
N HIS D 202 8.62 -38.26 1.83
CA HIS D 202 10.03 -38.27 1.47
C HIS D 202 10.85 -38.98 2.56
N PRO D 203 11.81 -39.83 2.16
CA PRO D 203 12.59 -40.57 3.15
C PRO D 203 13.50 -39.67 4.00
N ARG D 204 13.85 -38.52 3.46
CA ARG D 204 14.69 -37.58 4.19
C ARG D 204 13.85 -36.50 4.87
N PHE D 205 12.95 -35.87 4.11
CA PHE D 205 12.16 -34.75 4.61
C PHE D 205 10.91 -35.14 5.39
N GLY D 206 10.47 -36.39 5.26
CA GLY D 206 9.22 -36.82 5.88
C GLY D 206 8.02 -36.39 5.05
N PRO D 207 6.83 -36.27 5.70
CA PRO D 207 5.62 -35.82 5.00
C PRO D 207 5.71 -34.35 4.64
N ILE D 208 5.80 -34.07 3.34
CA ILE D 208 5.91 -32.72 2.81
C ILE D 208 5.00 -32.59 1.58
N LYS D 209 5.24 -31.56 0.76
CA LYS D 209 4.58 -31.47 -0.54
C LYS D 209 5.59 -31.54 -1.67
N CYS D 210 5.10 -31.89 -2.87
CA CYS D 210 5.95 -31.92 -4.04
C CYS D 210 5.34 -31.11 -5.19
N ILE D 211 6.14 -30.86 -6.21
CA ILE D 211 5.66 -30.26 -7.45
C ILE D 211 5.47 -31.38 -8.47
N ARG D 212 4.26 -31.53 -8.99
CA ARG D 212 3.92 -32.57 -9.95
C ARG D 212 3.36 -31.94 -11.23
N THR D 213 3.80 -32.42 -12.38
CA THR D 213 3.31 -31.87 -13.65
C THR D 213 1.86 -32.24 -13.90
N LEU D 214 1.14 -31.35 -14.59
CA LEU D 214 -0.26 -31.56 -14.95
C LEU D 214 -0.38 -32.00 -16.41
N ARG D 215 0.67 -31.75 -17.16
CA ARG D 215 0.72 -32.10 -18.58
C ARG D 215 2.15 -32.50 -18.93
N ALA D 216 2.33 -33.04 -20.13
CA ALA D 216 3.66 -33.25 -20.68
C ALA D 216 4.38 -31.91 -20.74
N VAL D 217 5.61 -31.88 -20.23
CA VAL D 217 6.41 -30.66 -20.17
C VAL D 217 7.72 -30.89 -20.92
N GLU D 218 8.02 -30.02 -21.88
CA GLU D 218 9.29 -30.09 -22.61
C GLU D 218 10.45 -29.54 -21.78
N ALA D 219 11.68 -29.94 -22.14
CA ALA D 219 12.87 -29.45 -21.45
C ALA D 219 12.99 -27.93 -21.52
N ASP D 220 13.50 -27.34 -20.43
CA ASP D 220 13.75 -25.90 -20.33
C ASP D 220 12.50 -25.02 -20.23
N GLU D 221 11.34 -25.64 -20.14
CA GLU D 221 10.10 -24.93 -19.80
C GLU D 221 10.18 -24.49 -18.34
N GLU D 222 9.62 -23.32 -18.05
CA GLU D 222 9.47 -22.91 -16.65
C GLU D 222 8.33 -23.70 -16.03
N LEU D 223 8.55 -24.18 -14.82
CA LEU D 223 7.54 -24.88 -14.05
C LEU D 223 6.80 -23.90 -13.16
N THR D 224 5.48 -23.88 -13.31
CA THR D 224 4.63 -22.95 -12.61
C THR D 224 3.44 -23.66 -11.95
N VAL D 225 2.96 -23.09 -10.85
CA VAL D 225 1.77 -23.58 -10.17
C VAL D 225 0.83 -22.39 -9.96
N ALA D 226 -0.47 -22.66 -9.88
CA ALA D 226 -1.43 -21.63 -9.48
C ALA D 226 -1.44 -21.49 -7.96
N TYR D 227 -0.92 -20.37 -7.45
CA TYR D 227 -0.86 -20.15 -6.01
C TYR D 227 -2.27 -20.07 -5.42
N GLY D 228 -2.38 -20.38 -4.13
CA GLY D 228 -3.68 -20.40 -3.48
C GLY D 228 -3.92 -19.19 -2.62
N TYR D 229 -4.65 -18.20 -3.17
CA TYR D 229 -5.06 -17.02 -2.42
C TYR D 229 -6.58 -16.88 -2.33
N ASP D 230 -7.04 -16.09 -1.36
CA ASP D 230 -8.47 -15.84 -1.10
C ASP D 230 -9.27 -17.11 -0.85
N GLU D 240 -7.55 -11.68 -0.58
CA GLU D 240 -6.37 -11.24 0.15
C GLU D 240 -5.12 -11.81 -0.51
N ALA D 241 -4.34 -10.95 -1.14
CA ALA D 241 -3.20 -11.36 -1.96
C ALA D 241 -2.16 -10.24 -2.08
N PRO D 242 -0.87 -10.61 -2.30
CA PRO D 242 0.18 -9.62 -2.48
C PRO D 242 -0.06 -8.77 -3.72
N GLU D 243 0.52 -7.56 -3.73
CA GLU D 243 0.35 -6.62 -4.86
C GLU D 243 0.71 -7.22 -6.22
N TRP D 244 1.83 -7.93 -6.31
CA TRP D 244 2.26 -8.54 -7.58
C TRP D 244 1.21 -9.49 -8.16
N TYR D 245 0.49 -10.18 -7.28
CA TYR D 245 -0.52 -11.15 -7.66
C TYR D 245 -1.78 -10.44 -8.16
N GLN D 246 -2.16 -9.37 -7.47
CA GLN D 246 -3.31 -8.55 -7.89
C GLN D 246 -3.05 -7.90 -9.25
N VAL D 247 -1.82 -7.42 -9.45
CA VAL D 247 -1.42 -6.86 -10.75
C VAL D 247 -1.50 -7.93 -11.86
N GLU D 248 -0.92 -9.11 -11.58
CA GLU D 248 -0.93 -10.23 -12.53
C GLU D 248 -2.35 -10.73 -12.87
N LEU D 249 -3.22 -10.79 -11.86
CA LEU D 249 -4.61 -11.17 -12.06
C LEU D 249 -5.34 -10.22 -13.02
N LYS D 250 -5.15 -8.92 -12.81
CA LYS D 250 -5.70 -7.88 -13.68
C LYS D 250 -5.27 -8.09 -15.12
N ALA D 251 -3.97 -8.28 -15.31
CA ALA D 251 -3.38 -8.54 -16.63
C ALA D 251 -3.96 -9.80 -17.29
N PHE D 252 -4.07 -10.87 -16.50
CA PHE D 252 -4.63 -12.14 -16.98
C PHE D 252 -6.09 -12.00 -17.42
N GLN D 253 -6.89 -11.36 -16.58
CA GLN D 253 -8.32 -11.11 -16.88
C GLN D 253 -8.48 -10.27 -18.14
N ALA D 254 -7.53 -9.36 -18.37
CA ALA D 254 -7.55 -8.47 -19.53
C ALA D 254 -7.31 -9.19 -20.87
N THR D 255 -6.75 -10.39 -20.82
CA THR D 255 -6.44 -11.15 -22.04
C THR D 255 -7.50 -12.18 -22.42
N GLN D 256 -8.35 -12.57 -21.48
CA GLN D 256 -9.36 -13.60 -21.73
C GLN D 256 -10.42 -13.15 -22.72
N GLN D 257 -10.57 -13.92 -23.81
CA GLN D 257 -11.62 -13.66 -24.80
C GLN D 257 -12.96 -14.17 -24.27
N LYS D 258 -14.03 -13.50 -24.65
CA LYS D 258 -15.36 -13.87 -24.17
C LYS D 258 -16.39 -13.96 -25.29
N HIS D 259 -17.46 -14.70 -25.05
CA HIS D 259 -18.60 -14.73 -25.97
C HIS D 259 -19.28 -13.37 -25.93
N HIS D 260 -19.71 -12.91 -27.10
CA HIS D 260 -20.40 -11.62 -27.22
C HIS D 260 -21.89 -11.78 -27.49
N HIS D 261 -22.69 -10.99 -26.79
CA HIS D 261 -24.14 -10.92 -27.02
C HIS D 261 -24.47 -9.66 -27.83
N SAM E . -14.71 14.36 12.26
CA SAM E . -15.71 13.39 12.71
C SAM E . -17.12 13.77 12.26
O SAM E . -17.31 14.77 11.57
OXT SAM E . -18.09 13.08 12.57
CB SAM E . -15.65 13.28 14.24
CG SAM E . -14.58 12.30 14.71
SD SAM E . -14.93 10.55 14.30
CE SAM E . -14.64 9.74 15.91
C5' SAM E . -13.41 9.99 13.50
C4' SAM E . -13.29 10.46 12.06
O4' SAM E . -12.95 11.83 12.03
C3' SAM E . -12.18 9.75 11.31
O3' SAM E . -12.67 8.59 10.70
C2' SAM E . -11.71 10.79 10.32
O2' SAM E . -12.59 10.86 9.21
C1' SAM E . -11.92 12.07 11.09
N9 SAM E . -10.76 12.57 11.84
C8 SAM E . -10.58 12.53 13.20
N7 SAM E . -9.43 13.18 13.48
C5 SAM E . -8.87 13.61 12.32
C6 SAM E . -7.69 14.30 12.04
N6 SAM E . -6.81 14.71 12.97
N1 SAM E . -7.41 14.60 10.71
C2 SAM E . -8.29 14.21 9.71
N3 SAM E . -9.45 13.51 9.97
C4 SAM E . -9.73 13.25 11.29
NAA 1L4 F . -6.48 -1.87 16.01
CAF 1L4 F . -7.28 -1.02 15.87
CAX 1L4 F . -8.28 -0.01 15.70
CD2 1L4 F . -8.11 1.25 16.28
CAH 1L4 F . -9.40 -0.28 14.94
CAG 1L4 F . -10.38 0.69 14.75
CD1 1L4 F . -10.24 1.95 15.34
CG 1L4 F . -9.12 2.23 16.12
CB 1L4 F . -8.99 3.50 16.69
CA 1L4 F . -9.50 3.48 18.14
C 1L4 F . -9.72 4.91 18.66
O 1L4 F . -8.99 5.39 19.53
NBE 1L4 F . -10.75 5.61 18.14
CAR 1L4 F . -11.74 5.26 17.12
CAM 1L4 F . -12.93 6.09 17.50
CAN 1L4 F . -12.32 7.40 17.92
CAS 1L4 F . -11.02 6.99 18.60
N 1L4 F . -8.52 2.76 18.99
S1 1L4 F . -9.16 1.67 20.03
OAC 1L4 F . -10.42 2.23 20.65
OAD 1L4 F . -8.08 1.36 21.06
CBB 1L4 F . -9.60 0.15 19.23
CAL 1L4 F . -8.78 -0.99 19.30
CBA 1L4 F . -9.13 -2.18 18.66
CAP 1L4 F . -8.25 -3.27 18.77
CAO 1L4 F . -8.49 -4.22 17.60
NAU 1L4 F . -9.91 -4.60 17.53
CAQ 1L4 F . -10.77 -3.42 17.27
CBC 1L4 F . -10.34 -2.25 17.95
CAY 1L4 F . -11.16 -1.10 17.89
FAE 1L4 F . -12.32 -1.13 17.21
CAK 1L4 F . -10.80 0.08 18.53
UNK UNX G . -24.29 19.55 12.52
UNK UNX H . -24.62 24.96 21.27
UNK UNX I . -13.18 1.66 36.13
UNK UNX J . -11.10 4.89 41.91
UNK UNX K . -10.25 6.88 38.15
UNK UNX L . -8.46 4.56 22.29
UNK UNX M . 3.24 7.42 9.32
UNK UNX N . -28.38 18.86 11.70
UNK UNX O . 5.39 6.53 15.92
UNK UNX P . 5.57 3.53 18.66
UNK UNX Q . -35.82 24.52 30.51
UNK UNX R . 6.06 11.06 17.29
UNK UNX S . -25.59 -1.99 33.31
UNK UNX T . 2.58 14.12 5.76
N SAM U . -15.50 15.60 0.51
CA SAM U . -15.02 14.36 -0.10
C SAM U . -13.62 13.99 0.39
O SAM U . -13.07 14.66 1.25
OXT SAM U . -13.02 13.01 -0.08
CB SAM U . -15.04 14.51 -1.63
CG SAM U . -16.41 14.17 -2.24
SD SAM U . -16.81 12.41 -2.11
CE SAM U . -17.43 12.08 -3.79
C5' SAM U . -18.44 12.39 -1.32
C4' SAM U . -18.39 12.68 0.18
O4' SAM U . -18.17 14.06 0.42
C3' SAM U . -19.75 12.39 0.79
O3' SAM U . -19.85 11.04 1.18
C2' SAM U . -19.82 13.33 1.96
O2' SAM U . -19.02 12.84 3.03
C1' SAM U . -19.06 14.53 1.43
N9 SAM U . -19.87 15.59 0.83
C8 SAM U . -20.00 15.91 -0.50
N7 SAM U . -20.77 17.00 -0.62
C5 SAM U . -21.13 17.41 0.62
C6 SAM U . -21.90 18.47 1.07
N6 SAM U . -22.48 19.34 0.24
N1 SAM U . -22.08 18.64 2.43
C2 SAM U . -21.51 17.75 3.31
N3 SAM U . -20.73 16.70 2.89
C4 SAM U . -20.54 16.54 1.54
NAA 1L4 V . -29.57 5.43 -5.55
CAF 1L4 V . -28.50 5.72 -5.28
CAX 1L4 V . -27.17 6.10 -4.93
CD2 1L4 V . -26.74 7.36 -5.28
CAH 1L4 V . -26.30 5.21 -4.28
CAG 1L4 V . -25.01 5.63 -3.97
CD1 1L4 V . -24.58 6.91 -4.31
CG 1L4 V . -25.45 7.78 -4.97
CB 1L4 V . -25.03 9.07 -5.32
CA 1L4 V . -24.53 9.07 -6.78
C 1L4 V . -23.73 10.36 -7.07
O 1L4 V . -24.21 11.23 -7.78
NBE 1L4 V . -22.49 10.45 -6.52
CAR 1L4 V . -21.76 9.52 -5.63
CAM 1L4 V . -20.31 9.83 -5.87
CAN 1L4 V . -20.31 11.34 -6.03
CAS 1L4 V . -21.63 11.65 -6.75
N 1L4 V . -25.69 8.99 -7.69
S1 1L4 V . -25.58 7.93 -8.94
OAC 1L4 V . -24.19 8.01 -9.55
OAD 1L4 V . -26.67 8.30 -9.95
CBB 1L4 V . -25.85 6.29 -8.43
CAL 1L4 V . -27.09 5.67 -8.59
CBA 1L4 V . -27.32 4.36 -8.18
CAP 1L4 V . -28.59 3.81 -8.39
CAO 1L4 V . -28.79 2.60 -7.49
NAU 1L4 V . -27.66 1.67 -7.64
CAQ 1L4 V . -26.41 2.31 -7.15
CBC 1L4 V . -26.26 3.65 -7.59
CAY 1L4 V . -25.02 4.27 -7.42
FAE 1L4 V . -24.02 3.63 -6.87
CAK 1L4 V . -24.80 5.58 -7.84
UNK UNX W . -22.74 0.62 8.74
UNK UNX X . 2.72 -0.82 -21.76
UNK UNX Y . 6.53 19.82 -39.26
UNK UNX Z . 4.68 3.33 -37.10
UNK UNX AA . 10.01 21.39 -34.96
UNK UNX BA . -27.70 20.30 -17.03
UNK UNX CA . 0.80 16.84 -12.02
UNK UNX DA . -8.76 18.82 -37.55
N SAM EA . 22.84 -6.47 -13.05
CA SAM EA . 22.05 -5.89 -11.97
C SAM EA . 20.55 -6.08 -12.21
O SAM EA . 20.16 -6.70 -13.20
OXT SAM EA . 19.71 -5.63 -11.43
CB SAM EA . 22.40 -4.42 -11.79
CG SAM EA . 23.67 -4.19 -10.97
SD SAM EA . 23.41 -4.62 -9.22
CE SAM EA . 24.18 -3.19 -8.41
C5' SAM EA . 24.79 -5.75 -8.87
C4' SAM EA . 24.52 -7.17 -9.32
O4' SAM EA . 24.71 -7.25 -10.72
C3' SAM EA . 25.54 -8.14 -8.73
O3' SAM EA . 25.07 -8.63 -7.50
C2' SAM EA . 25.66 -9.19 -9.80
O2' SAM EA . 24.60 -10.10 -9.71
C1' SAM EA . 25.45 -8.39 -11.07
N9 SAM EA . 26.70 -7.93 -11.73
C8 SAM EA . 27.20 -6.65 -11.71
N7 SAM EA . 28.32 -6.60 -12.45
C5 SAM EA . 28.55 -7.84 -12.95
C6 SAM EA . 29.56 -8.36 -13.76
N6 SAM EA . 30.55 -7.58 -14.21
N1 SAM EA . 29.52 -9.69 -14.12
C2 SAM EA . 28.49 -10.50 -13.67
N3 SAM EA . 27.50 -10.00 -12.86
C4 SAM EA . 27.52 -8.68 -12.51
NAA 1L4 FA . 32.81 -5.51 2.46
CAF 1L4 FA . 31.96 -5.40 1.72
CAX 1L4 FA . 30.86 -5.28 0.80
CD2 1L4 FA . 31.06 -4.71 -0.46
CAH 1L4 FA . 29.60 -5.75 1.18
CAG 1L4 FA . 28.53 -5.64 0.28
CD1 1L4 FA . 28.73 -5.07 -0.97
CG 1L4 FA . 29.98 -4.58 -1.35
CB 1L4 FA . 30.17 -4.01 -2.63
CA 1L4 FA . 30.03 -2.47 -2.58
C 1L4 FA . 29.88 -1.87 -4.00
O 1L4 FA . 30.81 -1.27 -4.53
NBE 1L4 FA . 28.68 -2.02 -4.59
CAR 1L4 FA . 27.46 -2.70 -4.10
CAM 1L4 FA . 26.33 -1.96 -4.80
CAN 1L4 FA . 26.89 -1.68 -6.16
CAS 1L4 FA . 28.40 -1.48 -5.94
N 1L4 FA . 31.23 -1.87 -1.95
S1 1L4 FA . 30.96 -0.69 -0.80
OAC 1L4 FA . 29.84 0.24 -1.25
OAD 1L4 FA . 32.25 0.10 -0.62
CBB 1L4 FA . 30.50 -1.44 0.76
CAL 1L4 FA . 31.44 -1.63 1.79
CBA 1L4 FA . 31.08 -2.21 3.00
CAP 1L4 FA . 32.07 -2.37 3.99
CAO 1L4 FA . 31.65 -3.39 5.04
NAU 1L4 FA . 30.29 -3.11 5.51
CAQ 1L4 FA . 29.31 -3.19 4.41
CBC 1L4 FA . 29.75 -2.60 3.21
CAY 1L4 FA . 28.81 -2.40 2.18
FAE 1L4 FA . 27.56 -2.75 2.34
CAK 1L4 FA . 29.18 -1.81 0.98
UNK UNX GA . 37.75 3.81 -11.12
UNK UNX HA . 39.42 2.05 -16.71
UNK UNX IA . 31.48 4.63 -3.40
UNK UNX JA . 24.86 31.86 -12.50
UNK UNX KA . 17.82 -4.97 -24.45
UNK UNX LA . 18.98 41.01 -16.74
UNK UNX MA . 34.38 -11.48 -18.15
UNK UNX NA . 11.96 4.38 10.37
UNK UNX OA . 19.73 14.17 -27.49
N SAM PA . 10.71 -16.09 -7.42
CA SAM PA . 11.02 -16.73 -6.15
C SAM PA . 12.49 -16.64 -5.78
O SAM PA . 13.33 -16.17 -6.56
OXT SAM PA . 12.88 -17.03 -4.68
CB SAM PA . 10.56 -18.19 -6.19
CG SAM PA . 9.08 -18.39 -5.86
SD SAM PA . 8.64 -17.99 -4.16
CE SAM PA . 7.62 -19.44 -3.72
C5' SAM PA . 7.29 -16.83 -4.42
C4' SAM PA . 7.75 -15.41 -4.70
O4' SAM PA . 8.14 -15.28 -6.06
C3' SAM PA . 6.63 -14.42 -4.47
O3' SAM PA . 6.70 -13.88 -3.17
C2' SAM PA . 6.84 -13.38 -5.56
O2' SAM PA . 7.71 -12.36 -5.11
C1' SAM PA . 7.57 -14.13 -6.67
N9 SAM PA . 6.63 -14.53 -7.74
C8 SAM PA . 6.09 -15.78 -7.91
N7 SAM PA . 5.30 -15.76 -9.01
C5 SAM PA . 5.32 -14.52 -9.53
C6 SAM PA . 4.68 -13.95 -10.63
N6 SAM PA . 3.88 -14.68 -11.40
N1 SAM PA . 4.88 -12.62 -10.93
C2 SAM PA . 5.71 -11.85 -10.14
N3 SAM PA . 6.35 -12.42 -9.04
C4 SAM PA . 6.15 -13.73 -8.74
NAA 1L4 QA . -4.36 -17.00 3.08
CAF 1L4 QA . -3.28 -17.10 2.73
CAX 1L4 QA . -1.92 -17.21 2.29
CD2 1L4 QA . -1.65 -17.75 1.03
CAH 1L4 QA . -0.87 -16.80 3.11
CAG 1L4 QA . 0.44 -16.92 2.66
CD1 1L4 QA . 0.71 -17.45 1.41
CG 1L4 QA . -0.33 -17.87 0.57
CB 1L4 QA . -0.07 -18.41 -0.69
CA 1L4 QA . -0.01 -19.96 -0.63
C 1L4 QA . 0.66 -20.54 -1.90
O 1L4 QA . -0.05 -21.07 -2.77
NBE 1L4 QA . 1.99 -20.46 -2.01
CAR 1L4 QA . 3.00 -19.88 -1.08
CAM 1L4 QA . 4.32 -20.48 -1.48
CAN 1L4 QA . 4.19 -20.67 -2.98
CAS 1L4 QA . 2.71 -21.00 -3.19
N 1L4 QA . -1.36 -20.51 -0.51
S1 1L4 QA . -1.56 -21.70 0.63
OAC 1L4 QA . -0.38 -22.65 0.59
OAD 1L4 QA . -2.85 -22.44 0.32
CBB 1L4 QA . -1.70 -21.01 2.27
CAL 1L4 QA . -2.94 -20.83 2.87
CBA 1L4 QA . -3.06 -20.29 4.15
CAP 1L4 QA . -4.34 -20.14 4.70
CAO 1L4 QA . -4.33 -19.11 5.84
NAU 1L4 QA . -3.25 -19.42 6.80
CAQ 1L4 QA . -1.92 -19.39 6.16
CBC 1L4 QA . -1.89 -19.94 4.86
CAY 1L4 QA . -0.65 -20.12 4.25
FAE 1L4 QA . 0.49 -19.79 4.90
CAK 1L4 QA . -0.55 -20.66 2.97
UNK UNX RA . 6.27 -16.82 8.16
UNK UNX SA . -0.53 -39.26 -9.23
UNK UNX TA . -1.22 -46.31 -8.84
UNK UNX UA . 15.38 -41.95 -14.35
UNK UNX VA . -7.31 -14.94 -7.26
UNK UNX WA . 10.94 -5.42 -14.35
#